data_9ESJ
#
_entry.id   9ESJ
#
_cell.length_a   74.013
_cell.length_b   134.162
_cell.length_c   147.673
_cell.angle_alpha   90
_cell.angle_beta   90
_cell.angle_gamma   90
#
_symmetry.space_group_name_H-M   'P 21 21 21'
#
loop_
_entity.id
_entity.type
_entity.pdbx_description
1 polymer 'Cyclin-dependent kinase 2'
2 polymer Cyclin-A2
3 non-polymer '2-(4-bromanyl-2-methoxy-phenyl)ethanoic acid'
4 water water
#
loop_
_entity_poly.entity_id
_entity_poly.type
_entity_poly.pdbx_seq_one_letter_code
_entity_poly.pdbx_strand_id
1 'polypeptide(L)'
;GPGSMENFQKVEKIGEGTYGVVYKARNKLTGEVVALKKIRLDTETEGVPSTAIREISLLKELNHPNIVKLLDVIHTENKL
YLVFEFLHQDLKKFMDASALTGIPLPLIKSYLFQLLQGLAFCHSHRVLHRDLKPQNLLINTEGAIKLADFGLARAFGVPV
RTY(TPO)HEVVTLWYRAPEILLGCKYYSTAVDIWSLGCIFAEMVTRRALFPGDSEIDQLFRIFRTLGTPDEVVWPGVTS
MPDYKPSFPKWARQDFSKVVPPLDEDGRSLLSQMLHYDPNKRISAKAALAHPFFQDVTKPVPHLRL
;
A,C
2 'polypeptide(L)'
;GVNEVPDYHEDIHTYLREMEVKCKPKVGYMKKQPDITNSMRAILVDWLVEVGEEYKLQNETLHLAVNYIDRFLSSMSVLR
GKLQLVGTAAMLLASKFEEIYPPEVAEFVYITDDTYTKKQVLRMEHLVLKVLAFDLAAPTINQFLTQYFLHQQPANCKVE
SLAMFLGELSLIDADPYLKYLPSVIAAAAFHLALYTVTGQSWPESLVQKTGYTLETLKPCLLDLHQTYLRAPQHAQQSIR
EKYKNSKYHGVSLLNPPETLNVHHHHHH
;
B,D
#
loop_
_chem_comp.id
_chem_comp.type
_chem_comp.name
_chem_comp.formula
HHT non-polymer '2-(4-bromanyl-2-methoxy-phenyl)ethanoic acid' 'C9 H9 Br O3'
#
# COMPACT_ATOMS: atom_id res chain seq x y z
N GLY A 1 5.50 8.28 -1.85
CA GLY A 1 5.52 9.75 -1.78
C GLY A 1 5.73 10.38 -3.15
N PRO A 2 4.80 10.19 -4.13
CA PRO A 2 4.94 10.71 -5.49
C PRO A 2 5.25 12.21 -5.56
N GLY A 3 5.00 12.89 -4.43
CA GLY A 3 5.43 14.26 -4.19
C GLY A 3 6.93 14.48 -4.40
N SER A 4 7.25 15.66 -4.92
CA SER A 4 8.58 16.22 -5.06
C SER A 4 8.46 17.73 -5.20
N MET A 5 9.09 18.47 -4.27
CA MET A 5 8.97 19.92 -4.08
C MET A 5 9.02 20.71 -5.38
N GLU A 6 9.86 20.28 -6.32
CA GLU A 6 10.05 20.96 -7.59
C GLU A 6 8.73 21.27 -8.29
N ASN A 7 7.74 20.37 -8.22
CA ASN A 7 6.46 20.56 -8.88
C ASN A 7 5.54 21.50 -8.13
N PHE A 8 5.94 22.05 -6.98
CA PHE A 8 5.07 22.98 -6.29
C PHE A 8 5.55 24.42 -6.48
N GLN A 9 4.59 25.32 -6.70
CA GLN A 9 4.85 26.74 -6.77
C GLN A 9 4.23 27.40 -5.55
N LYS A 10 5.06 28.08 -4.75
CA LYS A 10 4.60 28.79 -3.57
C LYS A 10 3.65 29.91 -3.97
N VAL A 11 2.65 30.20 -3.11
CA VAL A 11 1.69 31.28 -3.33
C VAL A 11 1.80 32.31 -2.21
N GLU A 12 1.55 31.91 -0.95
CA GLU A 12 1.70 32.79 0.20
C GLU A 12 1.66 31.99 1.50
N LYS A 13 2.27 32.55 2.57
CA LYS A 13 2.23 31.93 3.89
C LYS A 13 0.76 31.92 4.33
N ILE A 14 0.32 30.91 5.07
CA ILE A 14 -1.05 30.88 5.49
C ILE A 14 -1.15 30.57 6.99
N GLY A 15 -0.02 30.30 7.62
CA GLY A 15 -0.07 29.82 8.99
C GLY A 15 1.30 29.33 9.48
N GLU A 16 1.45 29.32 10.81
CA GLU A 16 2.64 28.83 11.47
C GLU A 16 2.26 28.14 12.79
N GLY A 17 2.62 26.86 12.93
CA GLY A 17 2.61 26.14 14.22
C GLY A 17 3.97 26.22 14.94
N THR A 18 4.11 25.51 16.07
CA THR A 18 5.40 25.39 16.75
C THR A 18 6.40 24.75 15.80
N TYR A 19 5.99 23.65 15.17
CA TYR A 19 6.89 22.87 14.33
C TYR A 19 6.71 23.26 12.87
N GLY A 20 6.66 24.58 12.61
CA GLY A 20 7.01 25.12 11.31
C GLY A 20 6.02 26.13 10.76
N VAL A 21 5.86 26.10 9.43
CA VAL A 21 5.03 27.06 8.72
C VAL A 21 4.12 26.32 7.74
N VAL A 22 3.00 26.92 7.35
CA VAL A 22 2.18 26.37 6.30
C VAL A 22 2.11 27.40 5.18
N TYR A 23 2.28 26.93 3.93
CA TYR A 23 2.18 27.77 2.75
C TYR A 23 1.09 27.25 1.82
N LYS A 24 0.25 28.14 1.28
CA LYS A 24 -0.54 27.79 0.12
C LYS A 24 0.39 27.60 -1.07
N ALA A 25 0.26 26.47 -1.78
CA ALA A 25 1.09 26.19 -2.93
C ALA A 25 0.23 25.57 -4.02
N ARG A 26 0.79 25.55 -5.23
CA ARG A 26 0.07 25.13 -6.41
C ARG A 26 0.93 24.09 -7.12
N ASN A 27 0.32 22.95 -7.43
CA ASN A 27 0.97 21.85 -8.13
C ASN A 27 1.05 22.26 -9.58
N LYS A 28 2.26 22.38 -10.11
CA LYS A 28 2.46 22.95 -11.43
C LYS A 28 1.96 22.01 -12.52
N LEU A 29 1.77 20.72 -12.22
CA LEU A 29 1.43 19.75 -13.26
C LEU A 29 -0.07 19.43 -13.30
N THR A 30 -0.69 19.36 -12.13
CA THR A 30 -2.11 19.02 -12.04
C THR A 30 -3.01 20.26 -11.88
N GLY A 31 -2.46 21.34 -11.28
CA GLY A 31 -3.14 22.61 -11.03
C GLY A 31 -3.65 22.67 -9.60
N GLU A 32 -3.57 21.54 -8.91
CA GLU A 32 -4.12 21.43 -7.58
C GLU A 32 -3.51 22.47 -6.66
N VAL A 33 -4.35 23.12 -5.85
CA VAL A 33 -3.94 24.01 -4.79
C VAL A 33 -3.87 23.18 -3.52
N VAL A 34 -2.73 23.30 -2.82
CA VAL A 34 -2.45 22.50 -1.64
C VAL A 34 -1.97 23.42 -0.52
N ALA A 35 -1.96 22.86 0.69
CA ALA A 35 -1.28 23.50 1.80
C ALA A 35 -0.06 22.64 2.13
N LEU A 36 1.14 23.23 2.03
CA LEU A 36 2.38 22.55 2.42
C LEU A 36 2.75 22.88 3.86
N LYS A 37 2.82 21.89 4.74
CA LYS A 37 3.31 22.09 6.10
C LYS A 37 4.76 21.61 6.12
N LYS A 38 5.70 22.50 6.44
CA LYS A 38 7.08 22.13 6.64
C LYS A 38 7.30 21.87 8.12
N ILE A 39 7.78 20.65 8.44
CA ILE A 39 8.16 20.28 9.79
C ILE A 39 9.68 20.34 9.85
N ARG A 40 10.19 21.19 10.76
CA ARG A 40 11.63 21.33 10.88
C ARG A 40 12.16 20.24 11.79
N LEU A 41 13.21 19.56 11.34
CA LEU A 41 13.70 18.37 12.07
C LEU A 41 14.96 18.69 12.89
N ASP A 42 15.18 17.95 13.97
CA ASP A 42 16.39 18.13 14.83
C ASP A 42 16.48 19.59 15.27
N THR A 43 15.40 20.36 15.17
CA THR A 43 15.41 21.73 15.74
C THR A 43 15.38 21.54 17.24
N GLU A 44 15.11 20.31 17.68
CA GLU A 44 15.17 19.96 19.12
C GLU A 44 16.27 18.90 19.25
N THR A 45 16.93 18.55 18.14
CA THR A 45 18.00 17.52 18.13
C THR A 45 17.48 16.22 18.72
N GLU A 46 16.19 15.91 18.51
CA GLU A 46 15.60 14.69 19.09
C GLU A 46 14.92 13.89 17.97
N GLY A 47 15.22 14.23 16.73
CA GLY A 47 14.69 13.46 15.59
C GLY A 47 13.36 13.97 15.11
N VAL A 48 12.58 13.08 14.51
CA VAL A 48 11.23 13.45 14.01
C VAL A 48 10.33 13.65 15.24
N PRO A 49 9.62 14.80 15.32
CA PRO A 49 8.77 15.07 16.47
C PRO A 49 7.62 14.08 16.63
N SER A 50 7.25 13.81 17.88
CA SER A 50 6.14 12.87 18.19
C SER A 50 4.83 13.38 17.59
N THR A 51 4.63 14.70 17.60
CA THR A 51 3.42 15.31 17.04
C THR A 51 3.29 14.96 15.58
N ALA A 52 4.40 15.03 14.85
CA ALA A 52 4.39 14.76 13.39
C ALA A 52 4.18 13.27 13.14
N ILE A 53 4.83 12.42 13.93
CA ILE A 53 4.67 10.95 13.78
C ILE A 53 3.20 10.59 14.01
N ARG A 54 2.54 11.25 14.95
CA ARG A 54 1.14 10.96 15.26
C ARG A 54 0.25 11.55 14.16
N GLU A 55 0.48 12.80 13.78
CA GLU A 55 -0.35 13.46 12.75
C GLU A 55 -0.32 12.63 11.46
N ILE A 56 0.87 12.22 11.03
CA ILE A 56 0.97 11.51 9.73
C ILE A 56 0.35 10.12 9.86
N SER A 57 0.72 9.36 10.88
CA SER A 57 0.20 7.97 11.05
C SER A 57 -1.33 7.98 11.10
N LEU A 58 -1.91 8.93 11.82
CA LEU A 58 -3.38 8.91 12.02
C LEU A 58 -4.10 9.52 10.82
N LEU A 59 -3.57 10.59 10.25
CA LEU A 59 -4.24 11.26 9.10
C LEU A 59 -4.14 10.38 7.85
N LYS A 60 -3.13 9.51 7.77
CA LYS A 60 -3.00 8.57 6.64
C LYS A 60 -4.15 7.56 6.71
N GLU A 61 -4.57 7.20 7.91
CA GLU A 61 -5.64 6.19 8.10
C GLU A 61 -7.02 6.84 8.06
N LEU A 62 -7.11 8.15 8.32
CA LEU A 62 -8.42 8.83 8.41
C LEU A 62 -8.81 9.47 7.08
N ASN A 63 -9.64 8.78 6.29
CA ASN A 63 -10.12 9.34 5.00
C ASN A 63 -11.61 9.65 5.13
N HIS A 64 -11.95 10.89 5.52
CA HIS A 64 -13.37 11.27 5.73
C HIS A 64 -13.61 12.67 5.15
N PRO A 65 -14.71 12.89 4.39
CA PRO A 65 -14.98 14.19 3.79
C PRO A 65 -14.93 15.36 4.75
N ASN A 66 -15.00 15.09 6.05
CA ASN A 66 -15.02 16.19 7.06
C ASN A 66 -13.73 16.10 7.88
N ILE A 67 -12.75 15.39 7.35
CA ILE A 67 -11.40 15.37 7.99
C ILE A 67 -10.43 15.87 6.91
N VAL A 68 -9.55 16.79 7.26
CA VAL A 68 -8.54 17.34 6.30
C VAL A 68 -7.77 16.17 5.67
N LYS A 69 -7.44 16.31 4.39
CA LYS A 69 -6.79 15.20 3.66
C LYS A 69 -5.28 15.41 3.55
N LEU A 70 -4.51 14.45 4.05
CA LEU A 70 -3.05 14.44 3.84
C LEU A 70 -2.89 13.78 2.48
N LEU A 71 -2.39 14.53 1.49
CA LEU A 71 -2.31 13.99 0.12
C LEU A 71 -0.98 13.26 -0.06
N ASP A 72 0.05 13.72 0.62
CA ASP A 72 1.39 13.11 0.50
C ASP A 72 2.31 13.57 1.62
N VAL A 73 3.46 12.90 1.77
CA VAL A 73 4.49 13.31 2.76
C VAL A 73 5.85 13.26 2.04
N ILE A 74 6.60 14.36 2.06
CA ILE A 74 7.95 14.39 1.43
C ILE A 74 8.98 14.24 2.55
N HIS A 75 9.75 13.16 2.52
CA HIS A 75 10.69 12.83 3.63
C HIS A 75 12.14 13.13 3.27
N THR A 76 12.61 14.32 3.61
CA THR A 76 14.03 14.67 3.38
C THR A 76 14.75 14.57 4.70
N GLU A 77 16.05 14.31 4.67
CA GLU A 77 16.83 14.11 5.92
C GLU A 77 16.71 15.32 6.84
N ASN A 78 16.61 16.53 6.29
CA ASN A 78 16.63 17.73 7.15
C ASN A 78 15.23 18.34 7.25
N LYS A 79 14.31 17.92 6.39
CA LYS A 79 12.96 18.55 6.40
C LYS A 79 11.86 17.54 6.07
N LEU A 80 10.73 17.63 6.75
CA LEU A 80 9.57 16.77 6.43
C LEU A 80 8.50 17.70 5.87
N TYR A 81 7.96 17.36 4.69
CA TYR A 81 6.87 18.19 4.11
C TYR A 81 5.58 17.41 4.11
N LEU A 82 4.54 18.03 4.65
CA LEU A 82 3.20 17.39 4.67
C LEU A 82 2.35 18.09 3.62
N VAL A 83 1.79 17.34 2.67
CA VAL A 83 1.02 17.95 1.62
C VAL A 83 -0.46 17.75 1.94
N PHE A 84 -1.15 18.86 2.22
CA PHE A 84 -2.56 18.82 2.53
C PHE A 84 -3.39 19.43 1.41
N GLU A 85 -4.63 18.98 1.31
CA GLU A 85 -5.68 19.66 0.58
C GLU A 85 -5.84 21.08 1.12
N PHE A 86 -6.11 22.05 0.23
CA PHE A 86 -6.26 23.43 0.64
C PHE A 86 -7.73 23.77 0.86
N LEU A 87 -8.00 24.47 1.97
CA LEU A 87 -9.27 25.12 2.28
C LEU A 87 -9.02 26.60 2.58
N HIS A 88 -10.01 27.44 2.22
N HIS A 88 -9.95 27.47 2.14
CA HIS A 88 -9.79 28.86 2.05
CA HIS A 88 -9.71 28.91 2.06
C HIS A 88 -9.66 29.58 3.39
C HIS A 88 -9.60 29.59 3.42
N GLN A 89 -10.27 29.03 4.44
CA GLN A 89 -10.40 29.76 5.69
C GLN A 89 -10.65 28.79 6.85
N ASP A 90 -10.47 29.26 8.09
CA ASP A 90 -10.90 28.56 9.29
C ASP A 90 -12.15 29.22 9.87
N LEU A 91 -12.80 28.55 10.84
CA LEU A 91 -14.11 28.96 11.29
C LEU A 91 -13.98 30.21 12.16
N LYS A 92 -12.84 30.38 12.83
CA LYS A 92 -12.59 31.56 13.63
C LYS A 92 -12.63 32.83 12.76
N LYS A 93 -11.88 32.84 11.64
CA LYS A 93 -11.86 33.98 10.73
C LYS A 93 -13.24 34.26 10.12
N PHE A 94 -14.08 33.22 9.94
CA PHE A 94 -15.39 33.37 9.32
C PHE A 94 -16.40 33.97 10.31
N MET A 95 -16.41 33.43 11.53
CA MET A 95 -17.18 33.99 12.64
C MET A 95 -16.84 35.47 12.85
N ASP A 96 -15.56 35.83 12.72
CA ASP A 96 -15.09 37.20 12.88
C ASP A 96 -15.49 38.03 11.67
N ALA A 97 -15.47 37.44 10.46
CA ALA A 97 -15.98 38.14 9.28
C ALA A 97 -17.51 38.24 9.33
N SER A 98 -18.16 37.35 10.11
CA SER A 98 -19.61 37.31 10.30
C SER A 98 -20.04 38.14 11.51
N ALA A 99 -19.34 39.25 11.79
CA ALA A 99 -19.37 39.94 13.08
C ALA A 99 -20.79 40.32 13.50
N LEU A 100 -21.44 41.12 12.64
CA LEU A 100 -22.66 41.84 12.93
C LEU A 100 -23.76 41.32 12.01
N THR A 101 -23.40 40.29 11.22
CA THR A 101 -24.32 39.61 10.34
C THR A 101 -24.96 38.49 11.15
N GLY A 102 -24.14 37.80 11.96
CA GLY A 102 -24.50 36.49 12.47
C GLY A 102 -24.17 35.43 11.43
N ILE A 103 -24.07 34.16 11.86
CA ILE A 103 -24.03 33.05 10.92
C ILE A 103 -25.46 32.52 10.80
N PRO A 104 -26.03 32.41 9.58
CA PRO A 104 -27.40 31.90 9.42
C PRO A 104 -27.54 30.49 9.98
N LEU A 105 -28.71 30.19 10.55
CA LEU A 105 -28.94 28.96 11.30
C LEU A 105 -28.70 27.73 10.43
N PRO A 106 -29.08 27.74 9.12
CA PRO A 106 -28.83 26.60 8.24
C PRO A 106 -27.33 26.33 8.13
N LEU A 107 -26.52 27.39 8.17
CA LEU A 107 -25.08 27.19 8.06
C LEU A 107 -24.50 26.63 9.35
N ILE A 108 -25.04 27.06 10.50
CA ILE A 108 -24.59 26.55 11.80
C ILE A 108 -24.89 25.04 11.89
N LYS A 109 -26.10 24.69 11.52
CA LYS A 109 -26.60 23.33 11.58
C LYS A 109 -25.84 22.40 10.63
N SER A 110 -25.59 22.86 9.39
CA SER A 110 -24.72 22.19 8.42
C SER A 110 -23.31 21.98 8.97
N TYR A 111 -22.72 23.05 9.54
CA TYR A 111 -21.37 22.93 10.08
C TYR A 111 -21.33 21.94 11.26
N LEU A 112 -22.30 22.06 12.19
CA LEU A 112 -22.29 21.17 13.35
C LEU A 112 -22.50 19.70 12.91
N PHE A 113 -23.44 19.47 11.97
CA PHE A 113 -23.68 18.13 11.45
C PHE A 113 -22.41 17.52 10.83
N GLN A 114 -21.68 18.31 10.02
CA GLN A 114 -20.47 17.81 9.38
C GLN A 114 -19.36 17.58 10.42
N LEU A 115 -19.27 18.49 11.41
CA LEU A 115 -18.26 18.32 12.44
C LEU A 115 -18.49 17.00 13.16
N LEU A 116 -19.74 16.74 13.53
CA LEU A 116 -20.04 15.51 14.24
C LEU A 116 -19.75 14.28 13.37
N GLN A 117 -19.93 14.38 12.04
CA GLN A 117 -19.62 13.28 11.15
C GLN A 117 -18.14 12.94 11.22
N GLY A 118 -17.30 14.00 11.15
CA GLY A 118 -15.86 13.85 11.12
C GLY A 118 -15.37 13.29 12.44
N LEU A 119 -16.01 13.76 13.50
CA LEU A 119 -15.60 13.38 14.84
C LEU A 119 -15.97 11.93 15.08
N ALA A 120 -17.19 11.54 14.67
CA ALA A 120 -17.62 10.14 14.85
C ALA A 120 -16.65 9.21 14.13
N PHE A 121 -16.25 9.61 12.92
CA PHE A 121 -15.30 8.85 12.14
C PHE A 121 -13.97 8.71 12.90
N CYS A 122 -13.46 9.80 13.51
CA CYS A 122 -12.28 9.71 14.36
C CYS A 122 -12.48 8.69 15.48
N HIS A 123 -13.57 8.85 16.23
CA HIS A 123 -13.76 7.99 17.39
C HIS A 123 -13.93 6.52 16.99
N SER A 124 -14.56 6.27 15.83
CA SER A 124 -14.70 4.92 15.33
C SER A 124 -13.36 4.33 14.86
N HIS A 125 -12.35 5.19 14.71
CA HIS A 125 -11.03 4.74 14.33
C HIS A 125 -10.04 4.93 15.48
N ARG A 126 -10.57 4.88 16.70
CA ARG A 126 -9.81 5.01 17.93
C ARG A 126 -8.85 6.21 17.90
N VAL A 127 -9.29 7.37 17.39
CA VAL A 127 -8.52 8.59 17.41
C VAL A 127 -9.27 9.66 18.23
N LEU A 128 -8.62 10.24 19.26
CA LEU A 128 -9.11 11.42 19.94
C LEU A 128 -8.43 12.62 19.30
N HIS A 129 -9.16 13.71 19.11
CA HIS A 129 -8.59 14.89 18.48
C HIS A 129 -7.82 15.76 19.48
N ARG A 130 -8.55 16.17 20.52
CA ARG A 130 -8.00 16.75 21.74
C ARG A 130 -7.53 18.19 21.49
N ASP A 131 -8.00 18.84 20.42
CA ASP A 131 -7.79 20.27 20.24
C ASP A 131 -8.83 20.84 19.28
N LEU A 132 -10.12 20.44 19.46
CA LEU A 132 -11.15 21.07 18.66
C LEU A 132 -11.42 22.48 19.20
N LYS A 133 -11.32 23.43 18.26
CA LYS A 133 -11.58 24.84 18.46
C LYS A 133 -11.69 25.43 17.06
N PRO A 134 -12.36 26.60 16.91
CA PRO A 134 -12.68 27.15 15.58
C PRO A 134 -11.48 27.37 14.67
N GLN A 135 -10.34 27.78 15.27
CA GLN A 135 -9.08 27.94 14.54
C GLN A 135 -8.65 26.67 13.81
N ASN A 136 -9.02 25.48 14.31
CA ASN A 136 -8.53 24.22 13.76
C ASN A 136 -9.62 23.54 12.91
N LEU A 137 -10.69 24.28 12.55
CA LEU A 137 -11.74 23.78 11.70
C LEU A 137 -11.70 24.55 10.36
N LEU A 138 -11.51 23.85 9.24
CA LEU A 138 -11.33 24.51 7.95
C LEU A 138 -12.61 24.50 7.12
N ILE A 139 -12.93 25.61 6.45
CA ILE A 139 -14.11 25.69 5.64
C ILE A 139 -13.69 25.96 4.19
N ASN A 140 -14.50 25.52 3.22
CA ASN A 140 -14.20 25.79 1.82
C ASN A 140 -15.35 26.60 1.24
N THR A 141 -15.23 26.88 -0.06
CA THR A 141 -16.25 27.68 -0.71
C THR A 141 -17.46 26.79 -1.04
N GLU A 142 -17.37 25.48 -0.93
CA GLU A 142 -18.50 24.63 -1.30
C GLU A 142 -19.39 24.31 -0.11
N GLY A 143 -19.03 24.78 1.09
CA GLY A 143 -19.90 24.65 2.24
C GLY A 143 -19.45 23.49 3.14
N ALA A 144 -18.26 22.95 2.84
CA ALA A 144 -17.71 21.90 3.68
C ALA A 144 -16.98 22.50 4.87
N ILE A 145 -16.98 21.81 6.01
CA ILE A 145 -16.11 22.11 7.14
C ILE A 145 -15.39 20.82 7.54
N LYS A 146 -14.10 20.95 7.90
CA LYS A 146 -13.28 19.77 8.18
C LYS A 146 -12.44 19.94 9.44
N LEU A 147 -12.39 18.87 10.28
CA LEU A 147 -11.45 18.81 11.37
C LEU A 147 -10.04 18.90 10.80
N ALA A 148 -9.20 19.76 11.40
CA ALA A 148 -7.80 19.88 11.01
C ALA A 148 -6.96 19.98 12.26
N ASP A 149 -5.65 20.17 12.05
CA ASP A 149 -4.66 20.24 13.11
C ASP A 149 -4.72 19.05 14.07
N PHE A 150 -4.22 17.90 13.62
CA PHE A 150 -4.17 16.67 14.38
C PHE A 150 -2.84 16.57 15.15
N GLY A 151 -2.24 17.73 15.42
CA GLY A 151 -0.95 17.78 16.11
C GLY A 151 -1.04 17.26 17.54
N LEU A 152 -2.23 17.29 18.16
CA LEU A 152 -2.44 16.77 19.50
C LEU A 152 -3.25 15.48 19.55
N ALA A 153 -3.56 14.90 18.39
CA ALA A 153 -4.39 13.72 18.34
C ALA A 153 -3.63 12.52 18.93
N ARG A 154 -4.35 11.47 19.23
CA ARG A 154 -3.75 10.28 19.84
C ARG A 154 -4.59 9.03 19.53
N ALA A 155 -3.95 7.92 19.26
CA ALA A 155 -4.65 6.66 19.07
C ALA A 155 -4.92 6.05 20.44
N PHE A 156 -6.17 5.73 20.73
CA PHE A 156 -6.53 5.24 22.05
C PHE A 156 -6.82 3.76 21.96
N GLY A 157 -6.73 3.11 23.14
CA GLY A 157 -7.15 1.74 23.32
C GLY A 157 -8.46 1.72 24.11
N VAL A 158 -9.08 0.54 24.19
CA VAL A 158 -10.39 0.39 24.82
C VAL A 158 -10.23 -0.66 25.92
N PRO A 159 -10.46 -0.36 27.21
CA PRO A 159 -10.71 0.99 27.70
C PRO A 159 -9.47 1.87 27.61
N VAL A 160 -9.68 3.19 27.79
CA VAL A 160 -8.58 4.15 27.72
C VAL A 160 -7.63 3.99 28.92
N ARG A 161 -6.40 4.38 28.65
CA ARG A 161 -5.39 4.41 29.71
C ARG A 161 -5.24 5.90 30.04
N THR A 162 -4.41 6.22 31.00
CA THR A 162 -4.13 7.61 31.31
C THR A 162 -3.31 8.18 30.17
N TYR A 163 -3.73 9.33 29.62
CA TYR A 163 -2.97 10.01 28.59
C TYR A 163 -2.52 11.40 29.07
N TPO A 164 -1.92 12.19 28.17
CA TPO A 164 -1.42 13.51 28.51
CB TPO A 164 -0.81 14.17 27.25
CG2 TPO A 164 -0.02 15.43 27.58
OG1 TPO A 164 0.12 13.18 26.71
P TPO A 164 -0.07 12.47 25.28
O1P TPO A 164 -1.40 11.73 25.32
O2P TPO A 164 1.16 11.60 25.20
O3P TPO A 164 -0.14 13.58 24.19
C TPO A 164 -2.53 14.39 29.10
O TPO A 164 -3.65 14.48 28.56
N HIS A 165 -2.17 15.07 30.18
CA HIS A 165 -3.10 15.97 30.85
C HIS A 165 -3.17 17.33 30.14
N GLU A 166 -2.03 17.84 29.66
CA GLU A 166 -1.93 19.15 29.01
C GLU A 166 -2.50 19.03 27.61
N VAL A 167 -3.84 18.95 27.52
CA VAL A 167 -4.53 18.71 26.25
C VAL A 167 -5.74 19.63 26.19
N VAL A 168 -6.04 20.08 24.98
CA VAL A 168 -7.17 20.93 24.65
C VAL A 168 -6.89 22.38 25.02
N THR A 169 -7.07 23.29 24.06
CA THR A 169 -7.03 24.71 24.33
C THR A 169 -8.08 25.01 25.43
N LEU A 170 -7.69 25.85 26.40
CA LEU A 170 -8.32 26.05 27.68
C LEU A 170 -9.80 26.33 27.53
N TRP A 171 -10.14 27.29 26.64
CA TRP A 171 -11.54 27.67 26.51
C TRP A 171 -12.42 26.48 26.11
N TYR A 172 -11.80 25.39 25.60
CA TYR A 172 -12.55 24.30 24.98
C TYR A 172 -12.37 23.00 25.77
N ARG A 173 -11.72 23.13 26.94
CA ARG A 173 -11.30 21.96 27.71
C ARG A 173 -12.43 21.50 28.61
N ALA A 174 -12.66 20.18 28.62
CA ALA A 174 -13.72 19.52 29.36
C ALA A 174 -13.45 19.53 30.87
N PRO A 175 -14.49 19.58 31.70
CA PRO A 175 -14.33 19.63 33.15
C PRO A 175 -13.51 18.48 33.73
N GLU A 176 -13.60 17.29 33.12
CA GLU A 176 -12.93 16.13 33.66
C GLU A 176 -11.42 16.28 33.49
N ILE A 177 -10.97 17.04 32.46
CA ILE A 177 -9.54 17.31 32.34
C ILE A 177 -9.14 18.36 33.40
N LEU A 178 -9.99 19.39 33.55
CA LEU A 178 -9.74 20.44 34.51
C LEU A 178 -9.67 19.88 35.93
N LEU A 179 -10.43 18.80 36.21
CA LEU A 179 -10.43 18.23 37.56
C LEU A 179 -9.38 17.14 37.71
N GLY A 180 -8.52 16.97 36.69
CA GLY A 180 -7.36 16.12 36.81
C GLY A 180 -7.70 14.64 36.87
N CYS A 181 -8.84 14.25 36.29
CA CYS A 181 -9.30 12.87 36.27
C CYS A 181 -8.21 11.95 35.70
N LYS A 182 -8.11 10.74 36.29
CA LYS A 182 -7.14 9.78 35.83
C LYS A 182 -7.36 9.44 34.34
N TYR A 183 -8.62 9.33 33.93
CA TYR A 183 -8.96 8.96 32.57
C TYR A 183 -9.93 9.98 31.96
N TYR A 184 -9.74 10.18 30.66
CA TYR A 184 -10.69 10.92 29.86
C TYR A 184 -10.84 10.15 28.53
N SER A 185 -11.94 10.44 27.82
CA SER A 185 -12.33 9.65 26.66
C SER A 185 -12.86 10.55 25.57
N THR A 186 -13.61 9.96 24.65
CA THR A 186 -14.14 10.60 23.45
C THR A 186 -15.00 11.81 23.83
N ALA A 187 -15.55 11.79 25.06
CA ALA A 187 -16.43 12.82 25.57
C ALA A 187 -15.71 14.18 25.58
N VAL A 188 -14.38 14.22 25.69
CA VAL A 188 -13.70 15.51 25.72
C VAL A 188 -13.84 16.23 24.36
N ASP A 189 -13.91 15.49 23.24
CA ASP A 189 -14.07 16.12 21.93
C ASP A 189 -15.51 16.62 21.80
N ILE A 190 -16.47 15.92 22.39
CA ILE A 190 -17.83 16.41 22.30
C ILE A 190 -17.97 17.71 23.10
N TRP A 191 -17.35 17.76 24.27
CA TRP A 191 -17.39 18.99 25.05
C TRP A 191 -16.93 20.16 24.17
N SER A 192 -15.78 20.00 23.52
CA SER A 192 -15.21 21.01 22.63
C SER A 192 -16.23 21.40 21.55
N LEU A 193 -16.86 20.42 20.92
CA LEU A 193 -17.83 20.72 19.87
C LEU A 193 -19.04 21.47 20.44
N GLY A 194 -19.46 21.11 21.67
CA GLY A 194 -20.52 21.85 22.33
C GLY A 194 -20.17 23.33 22.48
N CYS A 195 -18.94 23.62 22.93
CA CYS A 195 -18.47 24.99 23.11
C CYS A 195 -18.49 25.72 21.78
N ILE A 196 -18.13 24.99 20.70
CA ILE A 196 -18.02 25.53 19.35
C ILE A 196 -19.41 25.84 18.82
N PHE A 197 -20.36 24.92 19.07
CA PHE A 197 -21.77 25.08 18.72
C PHE A 197 -22.27 26.42 19.27
N ALA A 198 -22.14 26.62 20.59
CA ALA A 198 -22.57 27.86 21.24
C ALA A 198 -21.91 29.07 20.59
N GLU A 199 -20.62 28.92 20.25
CA GLU A 199 -19.80 30.02 19.75
C GLU A 199 -20.20 30.39 18.32
N MET A 200 -20.64 29.40 17.54
CA MET A 200 -21.18 29.70 16.21
C MET A 200 -22.43 30.55 16.29
N VAL A 201 -23.23 30.37 17.34
CA VAL A 201 -24.49 31.10 17.48
C VAL A 201 -24.23 32.53 17.94
N THR A 202 -23.35 32.71 18.94
CA THR A 202 -23.11 33.99 19.59
C THR A 202 -21.91 34.73 18.99
N ARG A 203 -20.97 33.99 18.39
CA ARG A 203 -19.73 34.56 17.86
C ARG A 203 -18.78 34.99 18.97
N ARG A 204 -19.01 34.48 20.19
CA ARG A 204 -18.10 34.69 21.29
C ARG A 204 -17.91 33.37 22.04
N ALA A 205 -16.70 33.14 22.54
CA ALA A 205 -16.41 31.91 23.28
C ALA A 205 -17.37 31.78 24.48
N LEU A 206 -17.87 30.57 24.69
CA LEU A 206 -18.81 30.28 25.76
C LEU A 206 -18.13 30.37 27.14
N PHE A 207 -16.90 29.84 27.28
CA PHE A 207 -16.22 29.90 28.58
C PHE A 207 -14.79 30.39 28.42
N PRO A 208 -14.57 31.72 28.30
CA PRO A 208 -13.21 32.25 28.10
C PRO A 208 -12.47 32.45 29.42
N GLY A 209 -12.01 31.35 30.03
CA GLY A 209 -11.25 31.46 31.26
C GLY A 209 -9.84 32.03 31.02
N ASP A 210 -9.19 32.59 32.05
CA ASP A 210 -7.79 33.01 31.92
C ASP A 210 -6.89 32.17 32.83
N SER A 211 -7.43 31.06 33.36
CA SER A 211 -6.65 30.12 34.15
C SER A 211 -7.46 28.85 34.31
N GLU A 212 -6.84 27.76 34.78
CA GLU A 212 -7.61 26.54 34.98
C GLU A 212 -8.77 26.76 35.96
N ILE A 213 -8.50 27.38 37.11
CA ILE A 213 -9.56 27.54 38.08
C ILE A 213 -10.64 28.52 37.58
N ASP A 214 -10.26 29.59 36.88
CA ASP A 214 -11.22 30.51 36.31
C ASP A 214 -12.07 29.84 35.24
N GLN A 215 -11.45 28.97 34.42
CA GLN A 215 -12.16 28.19 33.43
C GLN A 215 -13.26 27.38 34.10
N LEU A 216 -12.91 26.60 35.13
CA LEU A 216 -13.87 25.81 35.89
C LEU A 216 -14.98 26.68 36.44
N PHE A 217 -14.57 27.79 37.09
CA PHE A 217 -15.52 28.64 37.76
C PHE A 217 -16.50 29.17 36.72
N ARG A 218 -16.04 29.54 35.53
CA ARG A 218 -16.96 30.08 34.54
C ARG A 218 -17.94 28.98 34.09
N ILE A 219 -17.44 27.76 33.93
CA ILE A 219 -18.28 26.62 33.56
C ILE A 219 -19.36 26.38 34.61
N PHE A 220 -18.94 26.27 35.88
CA PHE A 220 -19.81 26.11 37.05
C PHE A 220 -20.85 27.24 37.15
N ARG A 221 -20.48 28.48 36.83
CA ARG A 221 -21.43 29.57 36.97
C ARG A 221 -22.50 29.51 35.88
N THR A 222 -22.28 28.76 34.81
CA THR A 222 -23.21 28.68 33.70
C THR A 222 -24.08 27.43 33.85
N LEU A 223 -23.43 26.31 34.17
CA LEU A 223 -24.07 25.02 34.16
C LEU A 223 -24.39 24.57 35.58
N GLY A 224 -24.00 25.37 36.59
CA GLY A 224 -24.16 25.03 37.99
C GLY A 224 -22.93 24.26 38.50
N THR A 225 -22.65 24.34 39.81
CA THR A 225 -21.48 23.62 40.34
C THR A 225 -21.91 22.17 40.51
N PRO A 226 -21.21 21.20 39.89
CA PRO A 226 -21.68 19.80 39.91
C PRO A 226 -21.50 19.19 41.30
N ASP A 227 -22.46 18.34 41.67
CA ASP A 227 -22.46 17.57 42.91
C ASP A 227 -22.55 16.08 42.53
N GLU A 228 -22.64 15.24 43.58
CA GLU A 228 -22.66 13.79 43.45
C GLU A 228 -23.88 13.32 42.63
N VAL A 229 -25.01 14.03 42.80
CA VAL A 229 -26.22 13.73 42.06
C VAL A 229 -26.03 13.90 40.55
N VAL A 230 -25.61 15.08 40.08
CA VAL A 230 -25.51 15.28 38.65
C VAL A 230 -24.33 14.48 38.10
N TRP A 231 -23.27 14.30 38.92
CA TRP A 231 -22.02 13.76 38.39
C TRP A 231 -21.39 12.88 39.48
N PRO A 232 -21.77 11.59 39.59
CA PRO A 232 -21.21 10.73 40.65
C PRO A 232 -19.68 10.60 40.50
N GLY A 233 -18.98 10.69 41.66
CA GLY A 233 -17.51 10.70 41.68
C GLY A 233 -16.87 12.10 41.69
N VAL A 234 -17.63 13.14 41.32
CA VAL A 234 -17.02 14.43 41.09
C VAL A 234 -16.27 14.90 42.35
N THR A 235 -16.88 14.75 43.54
CA THR A 235 -16.30 15.28 44.78
C THR A 235 -15.01 14.54 45.18
N SER A 236 -14.70 13.42 44.52
CA SER A 236 -13.53 12.61 44.86
C SER A 236 -12.37 12.92 43.92
N MET A 237 -12.67 13.58 42.80
CA MET A 237 -11.71 13.82 41.73
C MET A 237 -10.46 14.59 42.21
N PRO A 238 -9.27 14.31 41.64
CA PRO A 238 -8.03 14.85 42.20
C PRO A 238 -8.01 16.34 42.48
N ASP A 239 -8.59 17.15 41.59
CA ASP A 239 -8.53 18.60 41.73
C ASP A 239 -9.90 19.19 42.08
N TYR A 240 -10.85 18.33 42.45
CA TYR A 240 -12.04 18.80 43.12
C TYR A 240 -11.66 19.31 44.52
N LYS A 241 -12.23 20.45 44.91
CA LYS A 241 -12.04 21.01 46.23
C LYS A 241 -13.42 21.19 46.86
N PRO A 242 -13.66 20.69 48.09
CA PRO A 242 -14.92 20.98 48.79
C PRO A 242 -15.29 22.47 48.86
N SER A 243 -14.27 23.32 48.96
CA SER A 243 -14.44 24.76 49.10
C SER A 243 -15.01 25.44 47.83
N PHE A 244 -15.07 24.69 46.71
CA PHE A 244 -15.65 25.22 45.48
C PHE A 244 -16.98 25.93 45.75
N PRO A 245 -17.17 27.14 45.20
CA PRO A 245 -18.45 27.82 45.36
C PRO A 245 -19.51 26.94 44.68
N LYS A 246 -20.71 26.92 45.27
CA LYS A 246 -21.77 26.06 44.77
C LYS A 246 -22.79 26.91 44.03
N TRP A 247 -22.56 27.15 42.73
CA TRP A 247 -23.45 27.99 41.95
C TRP A 247 -24.63 27.15 41.47
N ALA A 248 -25.81 27.78 41.44
CA ALA A 248 -27.01 27.20 40.87
C ALA A 248 -26.88 27.08 39.35
N ARG A 249 -27.45 26.00 38.80
CA ARG A 249 -27.56 25.84 37.37
C ARG A 249 -28.55 26.87 36.84
N GLN A 250 -28.13 27.66 35.87
CA GLN A 250 -29.06 28.61 35.28
C GLN A 250 -29.81 27.85 34.18
N ASP A 251 -31.10 28.21 34.04
CA ASP A 251 -31.97 27.73 33.00
C ASP A 251 -31.26 27.90 31.66
N PHE A 252 -31.22 26.82 30.86
CA PHE A 252 -30.38 26.70 29.68
C PHE A 252 -30.78 27.63 28.54
N SER A 253 -32.02 28.11 28.56
CA SER A 253 -32.50 29.08 27.59
C SER A 253 -31.79 30.42 27.75
N LYS A 254 -31.16 30.62 28.93
CA LYS A 254 -30.47 31.86 29.24
C LYS A 254 -29.02 31.79 28.78
N VAL A 255 -28.50 30.59 28.55
CA VAL A 255 -27.09 30.40 28.21
C VAL A 255 -26.84 30.79 26.74
N VAL A 256 -27.79 30.47 25.86
CA VAL A 256 -27.74 30.85 24.47
C VAL A 256 -29.15 31.21 24.04
N PRO A 257 -29.62 32.40 24.46
CA PRO A 257 -30.98 32.85 24.21
C PRO A 257 -31.57 32.65 22.81
N PRO A 258 -30.86 32.93 21.69
CA PRO A 258 -31.48 32.83 20.37
C PRO A 258 -31.74 31.38 19.95
N LEU A 259 -31.20 30.40 20.68
CA LEU A 259 -31.26 29.00 20.23
C LEU A 259 -32.66 28.46 20.51
N ASP A 260 -33.20 27.69 19.55
CA ASP A 260 -34.52 27.05 19.61
C ASP A 260 -34.50 25.86 20.58
N GLU A 261 -35.65 25.25 20.86
CA GLU A 261 -35.76 24.14 21.78
C GLU A 261 -34.88 22.92 21.42
N ASP A 262 -34.78 22.56 20.13
CA ASP A 262 -33.99 21.42 19.66
C ASP A 262 -32.51 21.71 19.87
N GLY A 263 -32.06 22.88 19.39
CA GLY A 263 -30.70 23.33 19.63
C GLY A 263 -30.33 23.29 21.11
N ARG A 264 -31.21 23.77 21.97
CA ARG A 264 -30.89 23.81 23.41
C ARG A 264 -30.79 22.37 23.93
N SER A 265 -31.67 21.49 23.46
CA SER A 265 -31.62 20.10 23.86
C SER A 265 -30.24 19.52 23.51
N LEU A 266 -29.83 19.74 22.25
CA LEU A 266 -28.61 19.13 21.76
C LEU A 266 -27.42 19.69 22.54
N LEU A 267 -27.40 21.02 22.69
CA LEU A 267 -26.30 21.69 23.37
C LEU A 267 -26.18 21.16 24.80
N SER A 268 -27.32 21.01 25.49
CA SER A 268 -27.30 20.55 26.87
C SER A 268 -26.65 19.17 26.96
N GLN A 269 -26.85 18.37 25.92
CA GLN A 269 -26.38 17.01 25.99
C GLN A 269 -24.90 16.95 25.63
N MET A 270 -24.41 17.95 24.90
CA MET A 270 -22.99 18.02 24.60
C MET A 270 -22.17 18.51 25.80
N LEU A 271 -22.81 19.31 26.66
CA LEU A 271 -22.15 19.95 27.80
C LEU A 271 -22.63 19.31 29.10
N HIS A 272 -23.09 18.06 29.03
CA HIS A 272 -23.43 17.34 30.24
C HIS A 272 -22.15 17.10 31.06
N TYR A 273 -22.22 17.34 32.37
CA TYR A 273 -21.02 17.23 33.20
C TYR A 273 -20.45 15.82 33.11
N ASP A 274 -21.32 14.83 33.38
CA ASP A 274 -20.89 13.45 33.54
C ASP A 274 -20.46 12.92 32.18
N PRO A 275 -19.17 12.59 31.91
CA PRO A 275 -18.73 12.18 30.56
C PRO A 275 -19.48 10.93 30.08
N ASN A 276 -19.98 10.14 31.04
CA ASN A 276 -20.73 8.94 30.69
C ASN A 276 -22.10 9.30 30.10
N LYS A 277 -22.70 10.45 30.44
CA LYS A 277 -24.04 10.81 30.01
C LYS A 277 -23.98 11.79 28.84
N ARG A 278 -22.78 12.31 28.57
CA ARG A 278 -22.59 13.24 27.47
C ARG A 278 -22.86 12.50 26.15
N ILE A 279 -23.57 13.15 25.25
CA ILE A 279 -23.92 12.50 24.00
C ILE A 279 -22.67 12.17 23.19
N SER A 280 -22.70 11.08 22.40
CA SER A 280 -21.64 10.73 21.47
C SER A 280 -21.87 11.44 20.13
N ALA A 281 -20.82 11.65 19.33
CA ALA A 281 -21.01 12.17 17.97
C ALA A 281 -21.98 11.31 17.15
N LYS A 282 -21.87 9.98 17.27
CA LYS A 282 -22.72 9.05 16.54
C LYS A 282 -24.19 9.28 16.91
N ALA A 283 -24.49 9.36 18.20
CA ALA A 283 -25.89 9.56 18.58
C ALA A 283 -26.40 10.97 18.24
N ALA A 284 -25.51 11.96 18.27
CA ALA A 284 -25.85 13.35 18.05
C ALA A 284 -26.31 13.57 16.62
N LEU A 285 -25.83 12.73 15.68
CA LEU A 285 -26.19 12.86 14.28
C LEU A 285 -27.69 12.71 14.08
N ALA A 286 -28.36 12.04 15.03
CA ALA A 286 -29.78 11.68 14.90
C ALA A 286 -30.66 12.64 15.67
N HIS A 287 -30.04 13.62 16.35
CA HIS A 287 -30.81 14.54 17.17
C HIS A 287 -31.72 15.34 16.25
N PRO A 288 -32.96 15.60 16.71
CA PRO A 288 -33.96 16.34 15.95
C PRO A 288 -33.52 17.71 15.42
N PHE A 289 -32.51 18.31 16.08
CA PHE A 289 -31.98 19.59 15.64
C PHE A 289 -31.62 19.53 14.14
N PHE A 290 -31.18 18.35 13.69
CA PHE A 290 -30.71 18.21 12.33
C PHE A 290 -31.80 17.76 11.35
N GLN A 291 -33.07 17.63 11.77
CA GLN A 291 -34.10 17.08 10.91
C GLN A 291 -34.12 17.75 9.53
N ASP A 292 -33.93 19.08 9.48
CA ASP A 292 -34.10 19.87 8.27
C ASP A 292 -32.75 20.27 7.65
N VAL A 293 -31.65 19.58 8.05
CA VAL A 293 -30.29 19.99 7.70
C VAL A 293 -30.03 19.89 6.19
N THR A 294 -29.27 20.87 5.68
CA THR A 294 -28.77 20.94 4.31
C THR A 294 -27.31 21.36 4.33
N LYS A 295 -26.70 21.59 3.16
CA LYS A 295 -25.30 21.96 3.09
C LYS A 295 -25.10 23.21 2.21
N PRO A 296 -25.52 24.42 2.65
CA PRO A 296 -25.33 25.60 1.81
C PRO A 296 -23.86 26.05 1.84
N VAL A 297 -23.42 26.74 0.77
CA VAL A 297 -22.10 27.37 0.71
C VAL A 297 -22.04 28.48 1.75
N PRO A 298 -20.82 28.91 2.19
CA PRO A 298 -20.73 30.04 3.12
C PRO A 298 -21.18 31.29 2.37
N HIS A 299 -21.66 32.26 3.17
CA HIS A 299 -22.35 33.45 2.71
C HIS A 299 -21.40 34.61 2.38
N LEU A 300 -20.06 34.41 2.50
CA LEU A 300 -19.12 35.51 2.42
C LEU A 300 -18.05 35.31 1.33
N GLY B 1 -18.96 2.67 31.00
CA GLY B 1 -19.20 4.06 30.58
C GLY B 1 -18.23 4.47 29.46
N VAL B 2 -18.08 5.80 29.30
CA VAL B 2 -17.37 6.37 28.17
C VAL B 2 -15.91 5.91 28.06
N ASN B 3 -15.30 5.45 29.16
CA ASN B 3 -13.90 5.04 29.13
C ASN B 3 -13.76 3.74 28.35
N GLU B 4 -14.87 3.00 28.24
CA GLU B 4 -14.94 1.77 27.44
C GLU B 4 -15.67 2.05 26.13
N VAL B 5 -15.90 3.33 25.81
CA VAL B 5 -16.50 3.82 24.57
C VAL B 5 -17.57 2.85 24.05
N PRO B 6 -18.70 2.68 24.77
CA PRO B 6 -19.80 1.85 24.30
C PRO B 6 -20.25 2.08 22.86
N ASP B 7 -20.26 3.33 22.37
CA ASP B 7 -20.80 3.64 21.06
C ASP B 7 -19.79 3.37 19.95
N TYR B 8 -18.55 2.99 20.30
CA TYR B 8 -17.47 2.87 19.32
C TYR B 8 -16.70 1.55 19.48
N HIS B 9 -16.93 0.74 20.53
CA HIS B 9 -16.05 -0.40 20.78
C HIS B 9 -16.15 -1.38 19.62
N GLU B 10 -17.35 -1.58 19.04
CA GLU B 10 -17.53 -2.52 17.95
C GLU B 10 -16.82 -2.03 16.68
N ASP B 11 -17.10 -0.78 16.30
CA ASP B 11 -16.40 -0.17 15.18
C ASP B 11 -14.89 -0.30 15.34
N ILE B 12 -14.38 -0.07 16.55
CA ILE B 12 -12.94 -0.07 16.75
C ILE B 12 -12.38 -1.48 16.59
N HIS B 13 -13.03 -2.44 17.26
CA HIS B 13 -12.64 -3.84 17.16
C HIS B 13 -12.60 -4.27 15.68
N THR B 14 -13.67 -4.03 14.93
CA THR B 14 -13.71 -4.30 13.50
C THR B 14 -12.55 -3.64 12.76
N TYR B 15 -12.28 -2.36 13.05
CA TYR B 15 -11.23 -1.65 12.34
C TYR B 15 -9.85 -2.24 12.65
N LEU B 16 -9.60 -2.61 13.91
CA LEU B 16 -8.36 -3.24 14.30
C LEU B 16 -8.19 -4.60 13.63
N ARG B 17 -9.30 -5.30 13.41
CA ARG B 17 -9.24 -6.61 12.75
C ARG B 17 -8.76 -6.43 11.31
N GLU B 18 -9.20 -5.37 10.67
CA GLU B 18 -8.77 -5.06 9.32
C GLU B 18 -7.28 -4.64 9.34
N MET B 19 -6.90 -3.77 10.28
CA MET B 19 -5.58 -3.20 10.26
C MET B 19 -4.50 -4.23 10.61
N GLU B 20 -4.80 -5.18 11.52
CA GLU B 20 -3.81 -6.15 11.94
C GLU B 20 -3.34 -6.97 10.75
N VAL B 21 -4.23 -7.24 9.79
CA VAL B 21 -3.92 -7.90 8.54
C VAL B 21 -2.99 -7.03 7.68
N LYS B 22 -3.20 -5.71 7.62
CA LYS B 22 -2.33 -4.85 6.82
C LYS B 22 -1.00 -4.63 7.53
N CYS B 23 -0.97 -4.77 8.86
CA CYS B 23 0.25 -4.55 9.63
C CYS B 23 0.97 -5.86 9.92
N LYS B 24 0.57 -6.95 9.24
CA LYS B 24 1.11 -8.26 9.54
C LYS B 24 2.48 -8.39 8.90
N PRO B 25 3.49 -8.91 9.65
CA PRO B 25 4.78 -9.17 9.06
C PRO B 25 4.76 -10.43 8.22
N LYS B 26 5.81 -10.63 7.42
CA LYS B 26 5.94 -11.87 6.62
C LYS B 26 6.34 -13.01 7.55
N VAL B 27 5.57 -14.10 7.54
CA VAL B 27 5.81 -15.23 8.48
C VAL B 27 7.18 -15.87 8.24
N GLY B 28 7.70 -15.79 7.02
CA GLY B 28 8.97 -16.50 6.74
C GLY B 28 10.11 -15.57 6.42
N TYR B 29 10.29 -14.51 7.19
CA TYR B 29 11.33 -13.51 6.84
C TYR B 29 12.68 -13.99 7.33
N MET B 30 12.73 -14.77 8.40
CA MET B 30 14.04 -15.15 9.00
C MET B 30 14.85 -16.03 8.03
N LYS B 31 14.19 -16.91 7.31
CA LYS B 31 14.87 -17.75 6.30
C LYS B 31 15.53 -16.84 5.26
N LYS B 32 14.86 -15.74 4.91
CA LYS B 32 15.41 -14.81 3.89
C LYS B 32 16.39 -13.84 4.54
N GLN B 33 16.57 -13.91 5.86
CA GLN B 33 17.58 -13.07 6.49
C GLN B 33 18.89 -13.85 6.57
N PRO B 34 19.94 -13.48 5.82
CA PRO B 34 21.14 -14.34 5.74
C PRO B 34 21.89 -14.45 7.06
N ASP B 35 21.88 -13.37 7.86
CA ASP B 35 22.84 -13.23 8.95
C ASP B 35 22.19 -13.11 10.33
N ILE B 36 20.86 -13.21 10.41
CA ILE B 36 20.16 -13.18 11.69
C ILE B 36 19.15 -14.34 11.76
N THR B 37 18.84 -14.75 13.01
CA THR B 37 18.06 -15.93 13.33
C THR B 37 16.96 -15.58 14.31
N ASN B 38 15.97 -16.47 14.42
CA ASN B 38 14.93 -16.39 15.45
C ASN B 38 15.55 -16.21 16.83
N SER B 39 16.67 -16.90 17.07
CA SER B 39 17.36 -16.84 18.36
C SER B 39 17.90 -15.44 18.64
N MET B 40 18.42 -14.76 17.62
CA MET B 40 18.95 -13.41 17.81
C MET B 40 17.82 -12.42 18.08
N ARG B 41 16.68 -12.61 17.37
CA ARG B 41 15.51 -11.76 17.56
C ARG B 41 14.98 -11.94 18.97
N ALA B 42 15.07 -13.18 19.50
CA ALA B 42 14.65 -13.47 20.86
C ALA B 42 15.47 -12.64 21.85
N ILE B 43 16.79 -12.64 21.68
CA ILE B 43 17.69 -11.84 22.47
C ILE B 43 17.30 -10.35 22.40
N LEU B 44 16.98 -9.85 21.20
CA LEU B 44 16.66 -8.44 21.02
C LEU B 44 15.38 -8.07 21.77
N VAL B 45 14.34 -8.89 21.57
CA VAL B 45 13.05 -8.61 22.18
C VAL B 45 13.17 -8.71 23.70
N ASP B 46 13.94 -9.68 24.21
CA ASP B 46 14.11 -9.87 25.64
C ASP B 46 14.79 -8.64 26.22
N TRP B 47 15.75 -8.10 25.45
CA TRP B 47 16.43 -6.88 25.85
C TRP B 47 15.43 -5.73 25.95
N LEU B 48 14.56 -5.63 24.93
CA LEU B 48 13.58 -4.55 24.84
C LEU B 48 12.62 -4.63 26.03
N VAL B 49 12.32 -5.84 26.48
CA VAL B 49 11.55 -6.03 27.68
C VAL B 49 12.26 -5.35 28.85
N GLU B 50 13.56 -5.58 29.00
CA GLU B 50 14.34 -4.96 30.05
C GLU B 50 14.43 -3.44 29.87
N VAL B 51 14.64 -2.97 28.65
CA VAL B 51 14.67 -1.49 28.42
C VAL B 51 13.36 -0.87 28.91
N GLY B 52 12.23 -1.50 28.59
CA GLY B 52 10.92 -0.94 28.96
C GLY B 52 10.71 -0.87 30.45
N GLU B 53 11.23 -1.84 31.18
CA GLU B 53 11.05 -1.89 32.65
C GLU B 53 12.00 -0.88 33.32
N GLU B 54 13.16 -0.65 32.71
CA GLU B 54 14.13 0.32 33.26
C GLU B 54 13.58 1.74 33.05
N TYR B 55 12.90 1.98 31.95
CA TYR B 55 12.40 3.35 31.65
C TYR B 55 10.93 3.42 32.02
N LYS B 56 10.38 2.32 32.52
CA LYS B 56 9.00 2.31 32.99
C LYS B 56 8.05 2.68 31.84
N LEU B 57 8.28 2.05 30.69
CA LEU B 57 7.45 2.25 29.52
C LEU B 57 6.21 1.40 29.65
N GLN B 58 5.15 1.83 28.97
CA GLN B 58 3.95 1.03 28.80
C GLN B 58 4.31 -0.27 28.09
N ASN B 59 3.50 -1.29 28.34
CA ASN B 59 3.61 -2.54 27.61
C ASN B 59 3.23 -2.32 26.14
N GLU B 60 2.28 -1.41 25.90
CA GLU B 60 1.80 -1.18 24.54
C GLU B 60 2.99 -0.75 23.69
N THR B 61 3.92 -0.02 24.31
CA THR B 61 5.09 0.52 23.62
C THR B 61 5.99 -0.61 23.16
N LEU B 62 6.20 -1.60 24.05
CA LEU B 62 6.96 -2.80 23.77
C LEU B 62 6.34 -3.52 22.58
N HIS B 63 5.02 -3.72 22.60
CA HIS B 63 4.35 -4.45 21.53
C HIS B 63 4.48 -3.71 20.19
N LEU B 64 4.39 -2.37 20.22
CA LEU B 64 4.47 -1.61 19.00
C LEU B 64 5.86 -1.80 18.41
N ALA B 65 6.86 -1.70 19.28
CA ALA B 65 8.25 -1.77 18.83
C ALA B 65 8.52 -3.09 18.11
N VAL B 66 8.03 -4.18 18.72
CA VAL B 66 8.19 -5.50 18.17
C VAL B 66 7.51 -5.53 16.78
N ASN B 67 6.32 -4.96 16.67
CA ASN B 67 5.63 -4.91 15.39
C ASN B 67 6.50 -4.21 14.35
N TYR B 68 7.10 -3.08 14.75
CA TYR B 68 7.91 -2.29 13.84
C TYR B 68 9.13 -3.08 13.37
N ILE B 69 9.71 -3.84 14.30
CA ILE B 69 10.93 -4.59 14.04
C ILE B 69 10.63 -5.69 13.04
N ASP B 70 9.50 -6.39 13.26
CA ASP B 70 9.14 -7.52 12.43
C ASP B 70 8.80 -7.08 11.02
N ARG B 71 8.12 -5.92 10.90
CA ARG B 71 7.75 -5.39 9.61
C ARG B 71 9.00 -4.91 8.87
N PHE B 72 9.92 -4.28 9.63
CA PHE B 72 11.16 -3.80 9.06
C PHE B 72 11.96 -4.98 8.48
N LEU B 73 12.17 -6.02 9.29
CA LEU B 73 12.95 -7.19 8.91
C LEU B 73 12.25 -7.99 7.83
N SER B 74 10.94 -7.73 7.62
CA SER B 74 10.20 -8.38 6.54
C SER B 74 10.65 -7.84 5.17
N SER B 75 11.17 -6.59 5.08
CA SER B 75 11.66 -6.13 3.78
C SER B 75 13.13 -5.71 3.76
N MET B 76 13.80 -5.69 4.91
CA MET B 76 15.15 -5.13 4.97
C MET B 76 16.08 -6.15 5.59
N SER B 77 17.05 -6.56 4.79
CA SER B 77 18.09 -7.48 5.19
C SER B 77 19.05 -6.74 6.15
N VAL B 78 19.37 -7.35 7.31
CA VAL B 78 20.13 -6.68 8.37
C VAL B 78 21.23 -7.57 8.92
N LEU B 79 22.47 -7.03 9.01
CA LEU B 79 23.60 -7.72 9.62
C LEU B 79 23.42 -7.75 11.15
N ARG B 80 23.92 -8.82 11.79
CA ARG B 80 23.66 -9.06 13.20
C ARG B 80 24.16 -7.90 14.06
N GLY B 81 25.26 -7.24 13.61
CA GLY B 81 25.85 -6.09 14.27
C GLY B 81 24.94 -4.83 14.25
N LYS B 82 23.86 -4.89 13.48
CA LYS B 82 22.97 -3.77 13.29
C LYS B 82 21.60 -4.10 13.81
N LEU B 83 21.37 -5.35 14.22
CA LEU B 83 20.03 -5.72 14.68
C LEU B 83 19.64 -4.83 15.88
N GLN B 84 20.61 -4.50 16.73
CA GLN B 84 20.29 -3.71 17.91
C GLN B 84 19.91 -2.25 17.57
N LEU B 85 20.49 -1.71 16.49
CA LEU B 85 20.23 -0.34 16.07
C LEU B 85 18.80 -0.25 15.57
N VAL B 86 18.38 -1.27 14.80
CA VAL B 86 17.00 -1.34 14.35
C VAL B 86 16.08 -1.33 15.56
N GLY B 87 16.29 -2.26 16.48
CA GLY B 87 15.52 -2.40 17.70
C GLY B 87 15.45 -1.11 18.51
N THR B 88 16.58 -0.40 18.65
CA THR B 88 16.62 0.84 19.39
C THR B 88 15.75 1.89 18.69
N ALA B 89 15.87 2.04 17.36
CA ALA B 89 15.05 3.05 16.66
C ALA B 89 13.57 2.69 16.72
N ALA B 90 13.29 1.40 16.65
CA ALA B 90 11.95 0.94 16.80
C ALA B 90 11.42 1.42 18.16
N MET B 91 12.19 1.22 19.22
CA MET B 91 11.71 1.46 20.59
C MET B 91 11.55 2.96 20.76
N LEU B 92 12.44 3.73 20.12
CA LEU B 92 12.31 5.18 20.13
C LEU B 92 11.00 5.61 19.48
N LEU B 93 10.71 5.08 18.29
CA LEU B 93 9.52 5.49 17.56
C LEU B 93 8.25 5.11 18.34
N ALA B 94 8.21 3.88 18.85
CA ALA B 94 7.09 3.38 19.63
C ALA B 94 6.87 4.30 20.85
N SER B 95 7.96 4.65 21.54
CA SER B 95 7.91 5.56 22.66
C SER B 95 7.29 6.90 22.27
N LYS B 96 7.80 7.52 21.19
CA LYS B 96 7.25 8.79 20.73
C LYS B 96 5.77 8.64 20.37
N PHE B 97 5.37 7.49 19.84
CA PHE B 97 3.97 7.32 19.48
C PHE B 97 3.08 7.22 20.72
N GLU B 98 3.51 6.40 21.68
CA GLU B 98 2.61 5.85 22.69
C GLU B 98 2.79 6.46 24.08
N GLU B 99 3.99 6.98 24.41
CA GLU B 99 4.30 7.44 25.74
C GLU B 99 4.01 8.92 25.92
N ILE B 100 3.44 9.28 27.09
CA ILE B 100 3.26 10.67 27.49
C ILE B 100 4.62 11.35 27.57
N TYR B 101 5.56 10.67 28.23
CA TYR B 101 6.92 11.15 28.47
C TYR B 101 7.94 10.18 27.89
N PRO B 102 8.21 10.21 26.57
CA PRO B 102 9.20 9.30 25.99
C PRO B 102 10.58 9.61 26.54
N PRO B 103 11.47 8.61 26.68
CA PRO B 103 12.88 8.86 26.94
C PRO B 103 13.51 9.64 25.78
N GLU B 104 14.49 10.46 26.12
CA GLU B 104 15.24 11.21 25.12
C GLU B 104 16.08 10.25 24.28
N VAL B 105 16.50 10.73 23.11
CA VAL B 105 17.37 10.00 22.21
C VAL B 105 18.64 9.60 22.95
N ALA B 106 19.24 10.54 23.68
CA ALA B 106 20.42 10.27 24.48
C ALA B 106 20.22 9.03 25.34
N GLU B 107 19.07 8.93 26.00
CA GLU B 107 18.79 7.77 26.83
C GLU B 107 18.76 6.49 25.99
N PHE B 108 18.32 6.58 24.73
CA PHE B 108 18.32 5.41 23.87
C PHE B 108 19.74 5.04 23.43
N VAL B 109 20.59 6.05 23.15
CA VAL B 109 21.98 5.80 22.83
C VAL B 109 22.68 5.16 24.03
N TYR B 110 22.39 5.66 25.23
CA TYR B 110 23.02 5.17 26.45
C TYR B 110 22.78 3.67 26.64
N ILE B 111 21.55 3.21 26.39
CA ILE B 111 21.19 1.81 26.65
C ILE B 111 21.89 0.86 25.68
N THR B 112 22.60 1.41 24.68
CA THR B 112 23.29 0.57 23.69
C THR B 112 24.75 0.37 24.07
N ASP B 113 25.18 0.88 25.22
CA ASP B 113 26.60 0.77 25.66
C ASP B 113 27.51 1.42 24.61
N ASP B 114 27.11 2.58 24.09
CA ASP B 114 27.91 3.33 23.10
C ASP B 114 28.26 2.44 21.90
N THR B 115 27.49 1.39 21.66
CA THR B 115 27.65 0.58 20.47
C THR B 115 27.34 1.44 19.23
N TYR B 116 26.41 2.38 19.39
CA TYR B 116 25.99 3.25 18.31
C TYR B 116 25.96 4.71 18.76
N THR B 117 26.07 5.60 17.77
CA THR B 117 26.09 7.03 17.97
C THR B 117 24.64 7.51 17.96
N LYS B 118 24.42 8.70 18.54
CA LYS B 118 23.17 9.42 18.37
C LYS B 118 22.84 9.59 16.88
N LYS B 119 23.87 9.84 16.05
CA LYS B 119 23.66 10.10 14.64
C LYS B 119 23.08 8.86 13.98
N GLN B 120 23.65 7.70 14.31
CA GLN B 120 23.16 6.41 13.85
C GLN B 120 21.69 6.15 14.26
N VAL B 121 21.31 6.45 15.51
CA VAL B 121 19.96 6.18 15.96
C VAL B 121 18.96 7.03 15.15
N LEU B 122 19.27 8.31 14.99
CA LEU B 122 18.35 9.18 14.30
C LEU B 122 18.24 8.81 12.84
N ARG B 123 19.35 8.34 12.22
CA ARG B 123 19.33 7.97 10.82
C ARG B 123 18.48 6.70 10.61
N MET B 124 18.60 5.74 11.55
CA MET B 124 17.79 4.53 11.55
C MET B 124 16.32 4.89 11.76
N GLU B 125 16.07 5.92 12.57
CA GLU B 125 14.71 6.36 12.83
C GLU B 125 14.06 6.74 11.50
N HIS B 126 14.75 7.61 10.74
CA HIS B 126 14.34 7.96 9.40
C HIS B 126 14.11 6.72 8.53
N LEU B 127 15.07 5.77 8.57
CA LEU B 127 14.99 4.60 7.73
C LEU B 127 13.73 3.79 8.07
N VAL B 128 13.50 3.54 9.36
CA VAL B 128 12.37 2.75 9.80
C VAL B 128 11.06 3.46 9.40
N LEU B 129 11.02 4.80 9.53
CA LEU B 129 9.86 5.56 9.10
C LEU B 129 9.59 5.40 7.60
N LYS B 130 10.65 5.40 6.80
CA LYS B 130 10.56 5.21 5.35
C LYS B 130 10.01 3.81 5.03
N VAL B 131 10.55 2.78 5.70
CA VAL B 131 10.23 1.39 5.43
C VAL B 131 8.78 1.12 5.84
N LEU B 132 8.33 1.71 6.97
CA LEU B 132 6.97 1.51 7.44
C LEU B 132 6.01 2.49 6.78
N ALA B 133 6.54 3.42 5.97
CA ALA B 133 5.78 4.52 5.39
C ALA B 133 4.93 5.26 6.42
N PHE B 134 5.48 5.46 7.63
CA PHE B 134 4.80 6.17 8.71
C PHE B 134 3.56 5.44 9.24
N ASP B 135 3.37 4.17 8.86
N ASP B 135 3.35 4.19 8.85
CA ASP B 135 2.20 3.44 9.32
CA ASP B 135 2.18 3.45 9.32
C ASP B 135 2.47 2.85 10.69
C ASP B 135 2.47 2.85 10.69
N LEU B 136 2.31 3.65 11.75
CA LEU B 136 2.78 3.30 13.09
C LEU B 136 1.67 2.90 14.05
N ALA B 137 0.40 3.20 13.68
CA ALA B 137 -0.73 2.91 14.57
C ALA B 137 -1.21 1.47 14.37
N ALA B 138 -0.33 0.52 14.70
CA ALA B 138 -0.54 -0.89 14.50
C ALA B 138 -1.30 -1.48 15.68
N PRO B 139 -2.31 -2.33 15.42
CA PRO B 139 -2.96 -3.11 16.48
C PRO B 139 -1.95 -4.06 17.09
N THR B 140 -2.05 -4.21 18.42
CA THR B 140 -1.18 -5.08 19.20
C THR B 140 -2.05 -6.13 19.89
N ILE B 141 -1.41 -7.15 20.44
CA ILE B 141 -2.07 -8.12 21.30
C ILE B 141 -2.80 -7.39 22.42
N ASN B 142 -2.15 -6.38 23.01
N ASN B 142 -2.14 -6.38 23.00
CA ASN B 142 -2.68 -5.70 24.17
CA ASN B 142 -2.61 -5.65 24.17
C ASN B 142 -3.99 -5.00 23.84
C ASN B 142 -3.93 -4.95 23.87
N GLN B 143 -4.06 -4.40 22.65
CA GLN B 143 -5.25 -3.65 22.29
C GLN B 143 -6.44 -4.57 22.17
N PHE B 144 -6.19 -5.83 21.77
CA PHE B 144 -7.25 -6.83 21.71
C PHE B 144 -7.60 -7.30 23.14
N LEU B 145 -6.55 -7.66 23.92
CA LEU B 145 -6.68 -8.16 25.27
C LEU B 145 -7.56 -7.26 26.15
N THR B 146 -7.33 -5.93 26.08
CA THR B 146 -8.01 -5.03 27.01
C THR B 146 -9.51 -5.03 26.70
N GLN B 147 -9.86 -5.22 25.42
CA GLN B 147 -11.27 -5.34 25.06
C GLN B 147 -11.84 -6.66 25.57
N TYR B 148 -11.06 -7.75 25.45
CA TYR B 148 -11.56 -9.06 25.83
C TYR B 148 -11.82 -9.04 27.33
N PHE B 149 -10.95 -8.34 28.07
CA PHE B 149 -11.08 -8.21 29.52
C PHE B 149 -12.47 -7.69 29.89
N LEU B 150 -13.08 -6.83 29.08
CA LEU B 150 -14.40 -6.32 29.41
C LEU B 150 -15.46 -7.42 29.46
N HIS B 151 -15.16 -8.65 29.00
CA HIS B 151 -16.15 -9.73 29.02
C HIS B 151 -16.00 -10.67 30.22
N GLN B 152 -15.14 -10.33 31.18
CA GLN B 152 -14.99 -11.15 32.37
C GLN B 152 -16.14 -10.79 33.29
N GLN B 153 -16.68 -11.81 33.96
CA GLN B 153 -17.71 -11.60 34.96
C GLN B 153 -17.41 -12.47 36.18
N PRO B 154 -16.88 -11.90 37.30
CA PRO B 154 -16.41 -10.49 37.35
C PRO B 154 -14.98 -10.28 36.85
N ALA B 155 -14.49 -9.03 36.82
CA ALA B 155 -13.10 -8.75 36.49
C ALA B 155 -12.15 -9.42 37.48
N ASN B 156 -11.07 -10.02 36.97
CA ASN B 156 -10.04 -10.64 37.79
C ASN B 156 -8.70 -10.13 37.30
N CYS B 157 -7.96 -9.45 38.20
CA CYS B 157 -6.66 -8.87 37.88
C CYS B 157 -5.59 -9.94 37.66
N LYS B 158 -5.69 -11.12 38.32
CA LYS B 158 -4.79 -12.24 38.07
C LYS B 158 -4.96 -12.73 36.63
N VAL B 159 -6.23 -12.83 36.17
CA VAL B 159 -6.54 -13.23 34.81
C VAL B 159 -5.90 -12.22 33.86
N GLU B 160 -6.11 -10.93 34.17
CA GLU B 160 -5.71 -9.87 33.27
C GLU B 160 -4.19 -9.88 33.16
N SER B 161 -3.47 -9.90 34.29
CA SER B 161 -2.02 -9.88 34.28
C SER B 161 -1.44 -11.13 33.61
N LEU B 162 -2.04 -12.29 33.90
CA LEU B 162 -1.53 -13.53 33.34
C LEU B 162 -1.70 -13.53 31.83
N ALA B 163 -2.78 -12.94 31.31
CA ALA B 163 -3.01 -12.89 29.88
C ALA B 163 -1.96 -11.99 29.21
N MET B 164 -1.68 -10.86 29.84
CA MET B 164 -0.66 -9.91 29.41
C MET B 164 0.70 -10.59 29.35
N PHE B 165 1.00 -11.38 30.39
CA PHE B 165 2.26 -12.10 30.52
C PHE B 165 2.44 -13.08 29.38
N LEU B 166 1.40 -13.87 29.09
CA LEU B 166 1.46 -14.90 28.04
C LEU B 166 1.60 -14.25 26.67
N GLY B 167 0.80 -13.21 26.44
CA GLY B 167 0.89 -12.45 25.21
C GLY B 167 2.32 -11.95 25.01
N GLU B 168 2.98 -11.53 26.11
CA GLU B 168 4.31 -10.95 25.98
C GLU B 168 5.30 -12.06 25.63
N LEU B 169 5.16 -13.23 26.28
CA LEU B 169 6.02 -14.36 25.96
C LEU B 169 6.06 -14.59 24.46
N SER B 170 4.91 -14.43 23.80
CA SER B 170 4.78 -14.79 22.41
C SER B 170 5.61 -13.86 21.53
N LEU B 171 5.87 -12.61 22.00
CA LEU B 171 6.71 -11.65 21.28
C LEU B 171 8.12 -12.22 21.03
N ILE B 172 8.57 -13.11 21.93
CA ILE B 172 9.96 -13.54 21.97
C ILE B 172 10.25 -14.50 20.80
N ASP B 173 9.28 -15.33 20.45
CA ASP B 173 9.54 -16.43 19.49
C ASP B 173 8.80 -16.27 18.16
N ALA B 174 9.47 -15.65 17.18
CA ALA B 174 8.88 -15.47 15.84
C ALA B 174 8.24 -16.79 15.43
N ASP B 175 8.97 -17.88 15.60
CA ASP B 175 8.39 -19.24 15.38
C ASP B 175 7.98 -19.81 16.74
N PRO B 176 6.68 -19.99 17.01
CA PRO B 176 5.68 -19.93 15.94
C PRO B 176 4.71 -18.76 15.84
N TYR B 177 4.89 -17.70 16.60
CA TYR B 177 3.84 -16.64 16.70
C TYR B 177 3.78 -15.67 15.52
N LEU B 178 4.80 -15.62 14.67
CA LEU B 178 4.71 -14.74 13.47
C LEU B 178 3.56 -15.22 12.57
N LYS B 179 3.07 -16.43 12.80
CA LYS B 179 2.01 -17.00 11.93
C LYS B 179 0.63 -16.67 12.47
N TYR B 180 0.58 -16.07 13.65
CA TYR B 180 -0.73 -15.79 14.25
C TYR B 180 -0.93 -14.28 14.36
N LEU B 181 -2.17 -13.86 14.07
CA LEU B 181 -2.56 -12.47 14.24
C LEU B 181 -2.62 -12.09 15.73
N PRO B 182 -2.36 -10.80 16.05
CA PRO B 182 -2.51 -10.30 17.41
C PRO B 182 -3.83 -10.68 18.07
N SER B 183 -4.94 -10.54 17.35
CA SER B 183 -6.26 -10.82 17.87
C SER B 183 -6.38 -12.28 18.31
N VAL B 184 -5.68 -13.18 17.60
CA VAL B 184 -5.74 -14.61 17.89
C VAL B 184 -4.81 -14.98 19.07
N ILE B 185 -3.60 -14.41 19.12
CA ILE B 185 -2.76 -14.66 20.29
C ILE B 185 -3.43 -14.12 21.56
N ALA B 186 -4.06 -12.94 21.45
CA ALA B 186 -4.77 -12.35 22.57
C ALA B 186 -5.87 -13.28 23.05
N ALA B 187 -6.60 -13.88 22.08
CA ALA B 187 -7.69 -14.77 22.40
C ALA B 187 -7.16 -16.00 23.11
N ALA B 188 -6.06 -16.57 22.59
CA ALA B 188 -5.47 -17.75 23.21
C ALA B 188 -4.95 -17.41 24.60
N ALA B 189 -4.24 -16.29 24.71
CA ALA B 189 -3.71 -15.82 25.99
C ALA B 189 -4.86 -15.63 26.99
N PHE B 190 -5.98 -15.07 26.54
CA PHE B 190 -7.07 -14.80 27.44
C PHE B 190 -7.70 -16.10 27.94
N HIS B 191 -7.90 -17.07 27.05
CA HIS B 191 -8.51 -18.33 27.48
C HIS B 191 -7.58 -19.09 28.41
N LEU B 192 -6.27 -19.07 28.10
CA LEU B 192 -5.32 -19.82 28.87
C LEU B 192 -5.22 -19.22 30.27
N ALA B 193 -5.31 -17.89 30.36
CA ALA B 193 -5.18 -17.16 31.61
C ALA B 193 -6.40 -17.43 32.47
N LEU B 194 -7.54 -17.40 31.81
CA LEU B 194 -8.83 -17.61 32.46
C LEU B 194 -8.92 -19.03 32.99
N TYR B 195 -8.51 -19.99 32.15
CA TYR B 195 -8.55 -21.39 32.50
C TYR B 195 -7.61 -21.65 33.68
N THR B 196 -6.37 -21.21 33.58
CA THR B 196 -5.39 -21.35 34.65
C THR B 196 -5.92 -20.82 35.98
N VAL B 197 -6.53 -19.62 35.99
CA VAL B 197 -6.84 -18.92 37.24
C VAL B 197 -8.15 -19.41 37.84
N THR B 198 -9.21 -19.52 37.03
CA THR B 198 -10.58 -19.72 37.50
C THR B 198 -11.18 -21.01 36.96
N GLY B 199 -10.43 -21.73 36.10
CA GLY B 199 -10.95 -22.93 35.46
C GLY B 199 -11.98 -22.67 34.35
N GLN B 200 -12.35 -21.41 34.10
CA GLN B 200 -13.37 -21.13 33.10
C GLN B 200 -12.73 -21.05 31.71
N SER B 201 -13.57 -20.76 30.70
CA SER B 201 -13.24 -20.90 29.30
C SER B 201 -13.61 -19.65 28.55
N TRP B 202 -12.93 -19.45 27.41
CA TRP B 202 -13.30 -18.51 26.38
C TRP B 202 -14.82 -18.39 26.34
N PRO B 203 -15.39 -17.23 26.68
CA PRO B 203 -16.85 -17.10 26.78
C PRO B 203 -17.58 -16.87 25.46
N GLU B 204 -18.81 -17.35 25.46
CA GLU B 204 -19.69 -17.22 24.31
C GLU B 204 -19.79 -15.77 23.85
N SER B 205 -19.77 -14.83 24.81
CA SER B 205 -19.85 -13.42 24.48
C SER B 205 -18.69 -13.00 23.57
N LEU B 206 -17.53 -13.66 23.72
CA LEU B 206 -16.35 -13.31 22.93
C LEU B 206 -16.38 -14.08 21.62
N VAL B 207 -17.06 -15.24 21.60
CA VAL B 207 -17.43 -15.89 20.35
C VAL B 207 -18.30 -14.93 19.52
N GLN B 208 -19.26 -14.27 20.15
CA GLN B 208 -20.14 -13.33 19.43
C GLN B 208 -19.35 -12.16 18.84
N LYS B 209 -18.33 -11.68 19.55
CA LYS B 209 -17.58 -10.48 19.10
C LYS B 209 -16.48 -10.82 18.10
N THR B 210 -15.79 -11.93 18.29
CA THR B 210 -14.61 -12.24 17.47
C THR B 210 -14.93 -13.23 16.38
N GLY B 211 -15.89 -14.11 16.59
CA GLY B 211 -16.15 -15.19 15.62
C GLY B 211 -15.16 -16.30 15.86
N TYR B 212 -14.39 -16.17 16.93
CA TYR B 212 -13.35 -17.18 17.26
C TYR B 212 -13.92 -18.16 18.27
N THR B 213 -13.71 -19.45 18.03
CA THR B 213 -14.10 -20.50 18.95
C THR B 213 -12.84 -21.21 19.42
N LEU B 214 -12.99 -22.03 20.47
CA LEU B 214 -11.87 -22.83 20.92
C LEU B 214 -11.32 -23.64 19.78
N GLU B 215 -12.19 -24.01 18.83
CA GLU B 215 -11.81 -24.73 17.61
C GLU B 215 -10.83 -23.88 16.80
N THR B 216 -11.19 -22.63 16.48
CA THR B 216 -10.31 -21.82 15.66
C THR B 216 -9.03 -21.43 16.42
N LEU B 217 -9.09 -21.32 17.76
CA LEU B 217 -7.95 -20.92 18.57
C LEU B 217 -7.00 -22.07 18.87
N LYS B 218 -7.40 -23.32 18.60
CA LYS B 218 -6.75 -24.51 19.13
C LYS B 218 -5.26 -24.53 18.77
N PRO B 219 -4.89 -24.35 17.48
CA PRO B 219 -3.47 -24.37 17.11
C PRO B 219 -2.59 -23.41 17.93
N CYS B 220 -3.01 -22.15 18.03
CA CYS B 220 -2.30 -21.14 18.82
C CYS B 220 -2.32 -21.51 20.32
N LEU B 221 -3.45 -22.03 20.79
CA LEU B 221 -3.59 -22.47 22.16
C LEU B 221 -2.57 -23.55 22.48
N LEU B 222 -2.41 -24.55 21.60
CA LEU B 222 -1.44 -25.61 21.85
C LEU B 222 -0.01 -25.04 21.91
N ASP B 223 0.31 -24.09 21.02
CA ASP B 223 1.61 -23.46 21.02
C ASP B 223 1.84 -22.69 22.33
N LEU B 224 0.86 -21.89 22.73
CA LEU B 224 0.99 -20.97 23.86
C LEU B 224 1.08 -21.77 25.18
N HIS B 225 0.39 -22.89 25.21
CA HIS B 225 0.41 -23.77 26.35
C HIS B 225 1.82 -24.35 26.52
N GLN B 226 2.45 -24.77 25.41
CA GLN B 226 3.80 -25.28 25.44
C GLN B 226 4.75 -24.16 25.90
N THR B 227 4.56 -22.95 25.36
CA THR B 227 5.40 -21.84 25.72
C THR B 227 5.31 -21.59 27.22
N TYR B 228 4.10 -21.60 27.75
CA TYR B 228 3.87 -21.42 29.19
C TYR B 228 4.59 -22.51 30.01
N LEU B 229 4.42 -23.79 29.63
CA LEU B 229 5.08 -24.90 30.31
C LEU B 229 6.61 -24.77 30.30
N ARG B 230 7.17 -24.33 29.17
CA ARG B 230 8.61 -24.38 28.97
C ARG B 230 9.30 -23.08 29.38
N ALA B 231 8.52 -22.11 29.87
CA ALA B 231 8.97 -20.73 30.07
C ALA B 231 10.10 -20.66 31.10
N PRO B 232 10.05 -21.44 32.21
CA PRO B 232 11.17 -21.47 33.15
C PRO B 232 12.51 -21.87 32.54
N GLN B 233 12.48 -22.66 31.46
CA GLN B 233 13.69 -23.21 30.85
C GLN B 233 14.19 -22.33 29.70
N HIS B 234 13.32 -21.49 29.12
CA HIS B 234 13.69 -20.66 27.98
C HIS B 234 14.95 -19.86 28.28
N ALA B 235 15.82 -19.76 27.27
CA ALA B 235 17.03 -18.94 27.33
C ALA B 235 16.73 -17.48 27.73
N GLN B 236 15.58 -16.95 27.35
CA GLN B 236 15.22 -15.58 27.68
C GLN B 236 14.23 -15.55 28.86
N GLN B 237 14.49 -14.69 29.85
CA GLN B 237 13.85 -14.77 31.15
C GLN B 237 13.37 -13.40 31.65
N SER B 238 13.53 -12.34 30.85
CA SER B 238 13.21 -11.01 31.31
C SER B 238 11.71 -10.82 31.59
N ILE B 239 10.88 -11.48 30.78
CA ILE B 239 9.44 -11.34 30.93
C ILE B 239 8.98 -12.05 32.22
N ARG B 240 9.55 -13.23 32.51
CA ARG B 240 9.20 -13.89 33.75
C ARG B 240 9.62 -13.04 34.95
N GLU B 241 10.82 -12.46 34.90
CA GLU B 241 11.38 -11.65 35.99
C GLU B 241 10.46 -10.45 36.24
N LYS B 242 10.03 -9.83 35.14
CA LYS B 242 9.14 -8.69 35.15
C LYS B 242 7.80 -9.04 35.78
N TYR B 243 7.26 -10.21 35.40
CA TYR B 243 5.95 -10.58 35.89
C TYR B 243 5.98 -11.22 37.29
N LYS B 244 7.12 -11.14 37.98
CA LYS B 244 7.16 -11.42 39.43
C LYS B 244 6.66 -10.20 40.21
N ASN B 245 6.88 -9.01 39.64
CA ASN B 245 6.56 -7.76 40.30
C ASN B 245 5.08 -7.73 40.67
N SER B 246 4.80 -7.12 41.83
CA SER B 246 3.44 -7.02 42.33
C SER B 246 2.61 -6.10 41.42
N LYS B 247 3.26 -5.15 40.74
CA LYS B 247 2.58 -4.41 39.69
C LYS B 247 1.73 -5.37 38.87
N TYR B 248 2.23 -6.59 38.63
CA TYR B 248 1.61 -7.57 37.75
C TYR B 248 1.09 -8.77 38.56
N HIS B 249 0.88 -8.57 39.86
CA HIS B 249 0.26 -9.56 40.73
C HIS B 249 1.10 -10.84 40.78
N GLY B 250 2.40 -10.73 40.46
CA GLY B 250 3.30 -11.86 40.57
C GLY B 250 2.83 -13.08 39.75
N VAL B 251 2.18 -12.83 38.60
CA VAL B 251 1.54 -13.91 37.86
C VAL B 251 2.54 -14.93 37.30
N SER B 252 3.79 -14.55 37.06
CA SER B 252 4.76 -15.51 36.54
C SER B 252 5.07 -16.61 37.57
N LEU B 253 4.51 -16.51 38.78
CA LEU B 253 4.76 -17.52 39.81
C LEU B 253 3.65 -18.58 39.81
N LEU B 254 2.53 -18.29 39.14
CA LEU B 254 1.43 -19.23 38.99
C LEU B 254 1.93 -20.44 38.21
N ASN B 255 1.41 -21.63 38.53
CA ASN B 255 1.81 -22.83 37.81
C ASN B 255 0.93 -23.00 36.57
N PRO B 256 1.54 -23.26 35.39
CA PRO B 256 0.75 -23.61 34.20
C PRO B 256 -0.09 -24.86 34.54
N PRO B 257 -1.29 -25.03 33.92
CA PRO B 257 -2.05 -26.28 34.07
C PRO B 257 -1.35 -27.33 33.19
N GLU B 258 -1.40 -28.58 33.60
CA GLU B 258 -0.71 -29.65 32.88
C GLU B 258 -1.39 -29.97 31.55
N THR B 259 -2.74 -29.84 31.49
CA THR B 259 -3.54 -30.18 30.31
C THR B 259 -4.66 -29.16 30.15
N LEU B 260 -5.23 -29.07 28.93
CA LEU B 260 -6.19 -28.03 28.56
C LEU B 260 -7.62 -28.55 28.38
N ASN B 261 -7.77 -29.86 28.03
CA ASN B 261 -9.05 -30.50 27.74
C ASN B 261 -9.78 -29.79 26.59
N VAL B 262 -9.09 -29.60 25.47
CA VAL B 262 -9.54 -28.70 24.40
C VAL B 262 -9.59 -29.50 23.08
N SER C 4 18.98 11.30 -2.07
CA SER C 4 18.36 10.29 -1.18
C SER C 4 19.27 9.06 -1.03
N MET C 5 20.61 9.26 -1.05
CA MET C 5 21.51 8.11 -1.18
C MET C 5 22.63 8.11 -0.16
N GLU C 6 22.51 8.90 0.92
N GLU C 6 22.48 8.92 0.91
CA GLU C 6 23.61 9.05 1.87
CA GLU C 6 23.46 9.12 1.97
C GLU C 6 23.75 7.80 2.74
C GLU C 6 23.73 7.81 2.72
N ASN C 7 22.73 6.94 2.79
CA ASN C 7 22.86 5.68 3.51
C ASN C 7 23.72 4.67 2.76
N PHE C 8 23.97 4.90 1.46
CA PHE C 8 24.71 3.96 0.64
C PHE C 8 26.17 4.38 0.54
N GLN C 9 27.07 3.41 0.73
CA GLN C 9 28.50 3.61 0.55
C GLN C 9 28.95 2.79 -0.66
N LYS C 10 29.58 3.46 -1.62
CA LYS C 10 30.14 2.79 -2.79
C LYS C 10 31.27 1.83 -2.36
N VAL C 11 31.35 0.68 -3.01
CA VAL C 11 32.43 -0.27 -2.81
C VAL C 11 33.22 -0.36 -4.14
N GLU C 12 32.59 -0.75 -5.24
CA GLU C 12 33.29 -0.84 -6.51
C GLU C 12 32.28 -0.96 -7.65
N LYS C 13 32.72 -0.61 -8.88
CA LYS C 13 31.86 -0.71 -10.05
C LYS C 13 31.70 -2.18 -10.43
N ILE C 14 30.53 -2.59 -10.92
CA ILE C 14 30.35 -3.99 -11.26
C ILE C 14 29.79 -4.17 -12.68
N GLY C 15 29.44 -3.09 -13.38
CA GLY C 15 29.05 -3.28 -14.76
C GLY C 15 28.54 -2.00 -15.39
N GLU C 16 28.12 -2.09 -16.68
CA GLU C 16 27.72 -0.92 -17.43
C GLU C 16 26.86 -1.33 -18.63
N GLY C 17 25.90 -0.46 -19.02
CA GLY C 17 25.11 -0.50 -20.24
C GLY C 17 25.05 0.89 -20.90
N THR C 18 24.18 1.09 -21.91
CA THR C 18 23.95 2.46 -22.38
C THR C 18 22.99 3.16 -21.42
N TYR C 19 22.12 2.38 -20.78
CA TYR C 19 21.08 2.91 -19.92
C TYR C 19 21.44 2.81 -18.43
N GLY C 20 22.49 2.03 -18.10
CA GLY C 20 22.86 1.85 -16.71
C GLY C 20 24.37 1.90 -16.46
N VAL C 21 24.72 2.29 -15.23
CA VAL C 21 25.97 1.88 -14.62
C VAL C 21 25.59 1.20 -13.29
N VAL C 22 26.26 0.09 -12.93
CA VAL C 22 25.92 -0.68 -11.74
C VAL C 22 27.13 -0.72 -10.81
N TYR C 23 26.88 -0.39 -9.53
CA TYR C 23 27.90 -0.44 -8.50
C TYR C 23 27.46 -1.37 -7.37
N LYS C 24 28.45 -2.07 -6.81
CA LYS C 24 28.28 -2.67 -5.51
C LYS C 24 28.36 -1.57 -4.45
N ALA C 25 27.52 -1.69 -3.43
CA ALA C 25 27.42 -0.67 -2.40
C ALA C 25 26.94 -1.32 -1.11
N ARG C 26 27.10 -0.57 -0.01
CA ARG C 26 26.78 -1.04 1.33
C ARG C 26 25.79 -0.08 1.97
N ASN C 27 24.71 -0.63 2.54
CA ASN C 27 23.82 0.12 3.40
C ASN C 27 24.52 0.37 4.73
N LYS C 28 24.78 1.63 5.07
CA LYS C 28 25.58 1.94 6.24
C LYS C 28 24.80 1.65 7.51
N LEU C 29 23.47 1.63 7.40
CA LEU C 29 22.63 1.47 8.58
C LEU C 29 22.35 -0.02 8.83
N THR C 30 22.16 -0.81 7.76
CA THR C 30 21.77 -2.20 7.89
C THR C 30 22.94 -3.17 7.63
N GLY C 31 23.96 -2.73 6.89
CA GLY C 31 25.04 -3.65 6.54
C GLY C 31 24.75 -4.47 5.28
N GLU C 32 23.53 -4.34 4.75
CA GLU C 32 23.19 -5.04 3.53
C GLU C 32 24.07 -4.51 2.40
N VAL C 33 24.56 -5.45 1.59
CA VAL C 33 25.35 -5.16 0.40
C VAL C 33 24.37 -5.27 -0.76
N VAL C 34 24.42 -4.32 -1.68
CA VAL C 34 23.43 -4.25 -2.75
C VAL C 34 24.17 -3.95 -4.06
N ALA C 35 23.44 -4.07 -5.17
CA ALA C 35 23.88 -3.53 -6.45
C ALA C 35 22.95 -2.39 -6.78
N LEU C 36 23.49 -1.18 -6.89
CA LEU C 36 22.73 0.01 -7.31
C LEU C 36 22.85 0.17 -8.81
N LYS C 37 21.72 0.27 -9.52
CA LYS C 37 21.76 0.60 -10.94
C LYS C 37 21.30 2.04 -11.09
N LYS C 38 22.20 2.93 -11.52
CA LYS C 38 21.86 4.31 -11.83
C LYS C 38 21.41 4.38 -13.28
N ILE C 39 20.20 4.91 -13.50
CA ILE C 39 19.63 5.12 -14.82
C ILE C 39 19.49 6.62 -15.05
N ARG C 40 20.20 7.11 -16.04
CA ARG C 40 20.19 8.56 -16.33
C ARG C 40 18.91 8.92 -17.08
N LEU C 41 18.18 9.87 -16.55
CA LEU C 41 16.99 10.37 -17.20
C LEU C 41 17.40 11.41 -18.26
N ASP C 42 16.59 11.48 -19.30
CA ASP C 42 16.73 12.48 -20.35
C ASP C 42 15.74 13.61 -20.10
N THR C 43 16.01 14.46 -19.10
CA THR C 43 14.99 15.40 -18.63
C THR C 43 14.61 16.50 -19.62
N GLU C 44 15.38 16.72 -20.69
CA GLU C 44 15.05 17.79 -21.63
C GLU C 44 14.66 17.22 -23.00
N THR C 45 14.57 15.88 -23.12
CA THR C 45 14.47 15.22 -24.42
C THR C 45 13.50 14.04 -24.39
N GLU C 46 13.94 12.89 -23.92
CA GLU C 46 13.26 11.64 -24.15
C GLU C 46 12.59 11.11 -22.88
N GLY C 47 13.02 11.57 -21.68
CA GLY C 47 12.39 11.20 -20.43
C GLY C 47 12.92 9.86 -19.93
N VAL C 48 12.06 9.06 -19.32
CA VAL C 48 12.47 7.81 -18.71
C VAL C 48 12.54 6.75 -19.81
N PRO C 49 13.69 6.06 -20.00
CA PRO C 49 13.81 5.10 -21.09
C PRO C 49 12.80 3.97 -20.93
N SER C 50 12.30 3.47 -22.08
CA SER C 50 11.36 2.37 -22.11
C SER C 50 11.93 1.12 -21.46
N THR C 51 13.24 0.90 -21.62
CA THR C 51 13.87 -0.26 -21.01
C THR C 51 13.70 -0.23 -19.49
N ALA C 52 13.77 0.97 -18.89
CA ALA C 52 13.74 1.05 -17.45
C ALA C 52 12.29 0.87 -16.95
N ILE C 53 11.33 1.45 -17.69
CA ILE C 53 9.93 1.30 -17.36
C ILE C 53 9.56 -0.18 -17.35
N ARG C 54 10.02 -0.92 -18.36
CA ARG C 54 9.73 -2.33 -18.46
C ARG C 54 10.45 -3.10 -17.36
N GLU C 55 11.75 -2.80 -17.15
CA GLU C 55 12.53 -3.52 -16.15
C GLU C 55 11.89 -3.36 -14.79
N ILE C 56 11.58 -2.13 -14.41
CA ILE C 56 10.99 -1.87 -13.11
C ILE C 56 9.61 -2.50 -12.98
N SER C 57 8.73 -2.26 -13.96
CA SER C 57 7.36 -2.72 -13.82
C SER C 57 7.32 -4.24 -13.75
N LEU C 58 8.14 -4.91 -14.56
CA LEU C 58 8.09 -6.35 -14.67
C LEU C 58 8.72 -6.99 -13.43
N LEU C 59 9.82 -6.41 -12.93
CA LEU C 59 10.54 -6.97 -11.78
C LEU C 59 9.80 -6.72 -10.46
N LYS C 60 9.01 -5.65 -10.37
CA LYS C 60 8.21 -5.40 -9.18
C LYS C 60 7.16 -6.50 -8.99
N GLU C 61 6.70 -7.05 -10.12
CA GLU C 61 5.65 -8.06 -10.14
C GLU C 61 6.23 -9.45 -9.86
N LEU C 62 7.43 -9.71 -10.38
CA LEU C 62 8.03 -11.04 -10.35
C LEU C 62 8.81 -11.25 -9.06
N ASN C 63 8.26 -12.00 -8.10
CA ASN C 63 9.02 -12.37 -6.90
C ASN C 63 9.20 -13.88 -6.86
N HIS C 64 10.45 -14.31 -7.09
CA HIS C 64 10.77 -15.73 -7.12
C HIS C 64 12.23 -15.91 -6.71
N PRO C 65 12.58 -16.98 -5.98
CA PRO C 65 13.96 -17.15 -5.54
C PRO C 65 15.02 -17.28 -6.62
N ASN C 66 14.61 -17.47 -7.89
CA ASN C 66 15.56 -17.60 -8.99
C ASN C 66 15.44 -16.44 -9.99
N ILE C 67 14.78 -15.34 -9.57
CA ILE C 67 14.81 -14.07 -10.27
C ILE C 67 15.43 -13.01 -9.36
N VAL C 68 16.30 -12.17 -9.94
CA VAL C 68 17.01 -11.18 -9.14
C VAL C 68 15.98 -10.27 -8.46
N LYS C 69 16.24 -9.94 -7.19
CA LYS C 69 15.29 -9.20 -6.38
C LYS C 69 15.53 -7.70 -6.56
N LEU C 70 14.48 -6.99 -6.97
CA LEU C 70 14.51 -5.54 -7.00
C LEU C 70 13.99 -5.04 -5.64
N LEU C 71 14.88 -4.41 -4.87
CA LEU C 71 14.56 -4.06 -3.49
C LEU C 71 13.87 -2.71 -3.39
N ASP C 72 14.26 -1.73 -4.24
CA ASP C 72 13.74 -0.38 -4.12
C ASP C 72 14.02 0.43 -5.39
N VAL C 73 13.24 1.49 -5.56
CA VAL C 73 13.45 2.43 -6.69
C VAL C 73 13.47 3.82 -6.07
N ILE C 74 14.56 4.56 -6.24
CA ILE C 74 14.66 5.94 -5.70
C ILE C 74 14.51 6.91 -6.87
N HIS C 75 13.52 7.80 -6.81
CA HIS C 75 13.21 8.70 -7.94
C HIS C 75 13.65 10.14 -7.66
N THR C 76 14.69 10.61 -8.35
CA THR C 76 15.07 12.03 -8.22
C THR C 76 14.60 12.73 -9.46
N GLU C 77 14.67 14.05 -9.47
CA GLU C 77 14.24 14.84 -10.65
C GLU C 77 15.14 14.50 -11.83
N ASN C 78 16.40 14.15 -11.57
CA ASN C 78 17.31 13.96 -12.69
C ASN C 78 17.77 12.51 -12.86
N LYS C 79 17.70 11.70 -11.79
CA LYS C 79 18.17 10.31 -11.89
C LYS C 79 17.23 9.36 -11.17
N LEU C 80 17.41 8.09 -11.52
CA LEU C 80 16.62 6.98 -11.02
C LEU C 80 17.61 5.92 -10.55
N TYR C 81 17.51 5.51 -9.28
CA TYR C 81 18.37 4.47 -8.73
C TYR C 81 17.53 3.22 -8.47
N LEU C 82 17.94 2.09 -9.04
CA LEU C 82 17.37 0.80 -8.71
C LEU C 82 18.32 0.14 -7.72
N VAL C 83 17.75 -0.29 -6.58
CA VAL C 83 18.44 -1.09 -5.58
C VAL C 83 18.09 -2.57 -5.83
N PHE C 84 19.14 -3.34 -6.14
CA PHE C 84 19.04 -4.79 -6.35
C PHE C 84 19.77 -5.53 -5.23
N GLU C 85 19.41 -6.79 -5.01
CA GLU C 85 20.19 -7.59 -4.08
C GLU C 85 21.55 -7.82 -4.74
N PHE C 86 22.62 -7.93 -3.94
CA PHE C 86 23.92 -8.22 -4.49
C PHE C 86 24.11 -9.73 -4.56
N LEU C 87 24.56 -10.24 -5.72
CA LEU C 87 25.03 -11.61 -5.83
C LEU C 87 26.51 -11.61 -6.20
N HIS C 88 27.23 -12.62 -5.71
CA HIS C 88 28.69 -12.67 -5.70
C HIS C 88 29.31 -12.49 -7.09
N GLN C 89 28.80 -13.20 -8.12
CA GLN C 89 29.23 -13.02 -9.51
C GLN C 89 28.21 -13.60 -10.49
N ASP C 90 28.50 -13.44 -11.80
CA ASP C 90 27.70 -13.95 -12.89
C ASP C 90 28.27 -15.28 -13.39
N LEU C 91 27.47 -16.04 -14.15
CA LEU C 91 27.82 -17.37 -14.58
C LEU C 91 28.99 -17.33 -15.56
N LYS C 92 29.09 -16.29 -16.38
CA LYS C 92 30.18 -16.20 -17.32
C LYS C 92 31.52 -16.16 -16.57
N LYS C 93 31.58 -15.39 -15.49
CA LYS C 93 32.85 -15.28 -14.78
C LYS C 93 33.17 -16.61 -14.08
N PHE C 94 32.12 -17.34 -13.65
CA PHE C 94 32.26 -18.62 -12.99
C PHE C 94 32.72 -19.71 -13.98
N MET C 95 32.13 -19.69 -15.19
CA MET C 95 32.57 -20.55 -16.28
C MET C 95 34.06 -20.33 -16.52
N ASP C 96 34.51 -19.08 -16.69
CA ASP C 96 35.89 -18.77 -17.01
C ASP C 96 36.82 -19.27 -15.92
N ALA C 97 36.45 -19.03 -14.67
CA ALA C 97 37.29 -19.47 -13.56
C ALA C 97 37.36 -20.99 -13.55
N SER C 98 36.35 -21.66 -14.12
CA SER C 98 36.20 -23.11 -14.14
C SER C 98 36.62 -23.69 -15.49
N ALA C 99 37.24 -22.88 -16.35
CA ALA C 99 37.58 -23.33 -17.69
C ALA C 99 38.46 -24.59 -17.65
N LEU C 100 39.46 -24.58 -16.75
CA LEU C 100 40.34 -25.71 -16.56
C LEU C 100 39.65 -26.82 -15.75
N THR C 101 39.23 -26.54 -14.49
CA THR C 101 38.67 -27.55 -13.57
C THR C 101 37.41 -28.22 -14.13
N GLY C 102 36.60 -27.47 -14.86
CA GLY C 102 35.25 -27.91 -15.16
C GLY C 102 34.29 -27.55 -14.01
N ILE C 103 32.99 -27.69 -14.31
CA ILE C 103 31.92 -27.48 -13.33
C ILE C 103 31.36 -28.86 -12.98
N PRO C 104 31.34 -29.26 -11.70
CA PRO C 104 30.83 -30.59 -11.35
C PRO C 104 29.44 -30.75 -11.94
N LEU C 105 29.11 -31.95 -12.41
CA LEU C 105 27.84 -32.22 -13.09
C LEU C 105 26.65 -31.99 -12.16
N PRO C 106 26.73 -32.31 -10.85
CA PRO C 106 25.67 -31.94 -9.92
C PRO C 106 25.34 -30.45 -9.89
N LEU C 107 26.37 -29.60 -9.94
CA LEU C 107 26.15 -28.17 -9.87
C LEU C 107 25.43 -27.69 -11.14
N ILE C 108 25.82 -28.27 -12.28
CA ILE C 108 25.25 -27.95 -13.58
C ILE C 108 23.74 -28.20 -13.55
N LYS C 109 23.38 -29.35 -12.97
CA LYS C 109 21.99 -29.79 -12.96
C LYS C 109 21.18 -28.89 -12.03
N SER C 110 21.74 -28.61 -10.85
CA SER C 110 21.16 -27.65 -9.94
C SER C 110 20.92 -26.31 -10.65
N TYR C 111 21.99 -25.76 -11.25
CA TYR C 111 21.88 -24.47 -11.91
C TYR C 111 20.85 -24.47 -13.04
N LEU C 112 20.79 -25.54 -13.84
CA LEU C 112 19.83 -25.63 -14.93
C LEU C 112 18.40 -25.71 -14.38
N PHE C 113 18.26 -26.42 -13.25
CA PHE C 113 16.96 -26.66 -12.63
C PHE C 113 16.39 -25.33 -12.14
N GLN C 114 17.23 -24.56 -11.45
CA GLN C 114 16.84 -23.28 -10.89
C GLN C 114 16.49 -22.30 -12.00
N LEU C 115 17.30 -22.30 -13.07
CA LEU C 115 17.10 -21.39 -14.19
C LEU C 115 15.74 -21.67 -14.84
N LEU C 116 15.39 -22.97 -14.95
CA LEU C 116 14.11 -23.35 -15.52
C LEU C 116 12.95 -22.94 -14.61
N GLN C 117 13.15 -23.02 -13.28
CA GLN C 117 12.11 -22.63 -12.34
C GLN C 117 11.86 -21.12 -12.48
N GLY C 118 12.95 -20.36 -12.51
CA GLY C 118 12.89 -18.93 -12.71
C GLY C 118 12.19 -18.59 -14.01
N LEU C 119 12.54 -19.32 -15.09
CA LEU C 119 12.04 -18.98 -16.41
C LEU C 119 10.57 -19.34 -16.53
N ALA C 120 10.18 -20.46 -15.89
CA ALA C 120 8.80 -20.92 -15.87
C ALA C 120 7.91 -19.90 -15.14
N PHE C 121 8.41 -19.34 -14.03
CA PHE C 121 7.75 -18.21 -13.39
C PHE C 121 7.59 -16.99 -14.32
N CYS C 122 8.63 -16.67 -15.12
CA CYS C 122 8.49 -15.58 -16.08
C CYS C 122 7.36 -15.87 -17.06
N HIS C 123 7.43 -17.04 -17.69
CA HIS C 123 6.47 -17.49 -18.67
C HIS C 123 5.04 -17.55 -18.10
N SER C 124 4.88 -18.16 -16.90
CA SER C 124 3.62 -18.23 -16.18
C SER C 124 3.06 -16.82 -15.92
N HIS C 125 3.93 -15.81 -15.90
CA HIS C 125 3.53 -14.43 -15.60
C HIS C 125 3.63 -13.56 -16.85
N ARG C 126 3.49 -14.18 -18.02
CA ARG C 126 3.42 -13.50 -19.30
C ARG C 126 4.60 -12.55 -19.54
N VAL C 127 5.82 -12.93 -19.11
CA VAL C 127 7.05 -12.17 -19.33
C VAL C 127 8.05 -13.00 -20.14
N LEU C 128 8.43 -12.50 -21.31
CA LEU C 128 9.60 -13.00 -22.02
C LEU C 128 10.86 -12.31 -21.47
N HIS C 129 11.96 -13.05 -21.31
CA HIS C 129 13.20 -12.45 -20.88
C HIS C 129 13.94 -11.84 -22.08
N ARG C 130 14.33 -12.69 -23.05
CA ARG C 130 14.83 -12.22 -24.34
C ARG C 130 16.30 -11.79 -24.28
N ASP C 131 16.98 -12.03 -23.16
CA ASP C 131 18.42 -11.75 -23.14
C ASP C 131 19.10 -12.71 -22.17
N LEU C 132 18.74 -13.99 -22.27
CA LEU C 132 19.39 -14.95 -21.39
C LEU C 132 20.75 -15.31 -21.98
N LYS C 133 21.81 -14.98 -21.25
CA LYS C 133 23.18 -15.41 -21.53
C LYS C 133 23.93 -15.51 -20.20
N PRO C 134 25.09 -16.21 -20.12
CA PRO C 134 25.78 -16.38 -18.84
C PRO C 134 26.11 -15.10 -18.06
N GLN C 135 26.38 -14.02 -18.81
CA GLN C 135 26.70 -12.72 -18.23
C GLN C 135 25.51 -12.18 -17.44
N ASN C 136 24.27 -12.61 -17.79
CA ASN C 136 23.06 -12.06 -17.23
C ASN C 136 22.44 -13.01 -16.21
N LEU C 137 23.20 -14.03 -15.76
CA LEU C 137 22.74 -14.93 -14.72
C LEU C 137 23.67 -14.80 -13.51
N LEU C 138 23.10 -14.64 -12.31
CA LEU C 138 23.88 -14.34 -11.11
C LEU C 138 23.87 -15.53 -10.17
N ILE C 139 25.02 -15.81 -9.53
CA ILE C 139 25.15 -16.91 -8.59
C ILE C 139 25.61 -16.32 -7.26
N ASN C 140 25.15 -16.91 -6.14
CA ASN C 140 25.75 -16.65 -4.83
C ASN C 140 26.64 -17.81 -4.39
N THR C 141 27.19 -17.67 -3.18
CA THR C 141 28.15 -18.57 -2.58
C THR C 141 27.47 -19.82 -2.02
N GLU C 142 26.12 -19.83 -2.02
CA GLU C 142 25.37 -20.91 -1.39
C GLU C 142 24.54 -21.76 -2.38
N GLY C 143 24.84 -21.68 -3.70
CA GLY C 143 24.31 -22.63 -4.67
C GLY C 143 23.10 -22.12 -5.47
N ALA C 144 22.68 -20.86 -5.25
CA ALA C 144 21.58 -20.30 -6.03
C ALA C 144 22.13 -19.70 -7.32
N ILE C 145 21.26 -19.70 -8.34
CA ILE C 145 21.42 -18.90 -9.55
C ILE C 145 20.12 -18.15 -9.81
N LYS C 146 20.21 -16.95 -10.37
CA LYS C 146 19.05 -16.13 -10.64
C LYS C 146 19.17 -15.44 -12.00
N LEU C 147 18.04 -15.36 -12.70
CA LEU C 147 17.84 -14.53 -13.89
C LEU C 147 18.03 -13.08 -13.48
N ALA C 148 18.85 -12.36 -14.26
CA ALA C 148 18.99 -10.94 -14.04
C ALA C 148 18.99 -10.25 -15.41
N ASP C 149 19.30 -8.95 -15.38
CA ASP C 149 19.15 -8.03 -16.50
C ASP C 149 17.85 -8.26 -17.28
N PHE C 150 16.75 -7.72 -16.75
CA PHE C 150 15.47 -7.70 -17.44
C PHE C 150 15.30 -6.47 -18.34
N GLY C 151 16.40 -5.88 -18.83
CA GLY C 151 16.35 -4.67 -19.65
C GLY C 151 15.72 -4.86 -21.03
N LEU C 152 15.60 -6.12 -21.49
CA LEU C 152 15.03 -6.42 -22.78
C LEU C 152 13.76 -7.24 -22.58
N ALA C 153 13.36 -7.40 -21.32
CA ALA C 153 12.17 -8.18 -21.02
C ALA C 153 10.94 -7.48 -21.60
N ARG C 154 9.87 -8.31 -21.80
CA ARG C 154 8.61 -7.78 -22.35
C ARG C 154 7.40 -8.58 -21.85
N ALA C 155 6.33 -7.87 -21.45
CA ALA C 155 5.08 -8.55 -21.12
C ALA C 155 4.38 -8.91 -22.43
N PHE C 156 4.00 -10.17 -22.58
CA PHE C 156 3.38 -10.62 -23.83
C PHE C 156 1.88 -10.81 -23.67
N GLY C 157 1.17 -10.79 -24.80
CA GLY C 157 -0.23 -11.17 -24.86
C GLY C 157 -0.37 -12.57 -25.44
N VAL C 158 -1.58 -13.15 -25.31
CA VAL C 158 -1.87 -14.49 -25.80
C VAL C 158 -3.03 -14.41 -26.80
N PRO C 159 -2.85 -14.76 -28.11
CA PRO C 159 -1.56 -15.11 -28.69
C PRO C 159 -0.59 -13.95 -28.87
N VAL C 160 0.70 -14.29 -29.00
CA VAL C 160 1.77 -13.30 -29.13
C VAL C 160 1.51 -12.50 -30.41
N ARG C 161 1.85 -11.21 -30.38
CA ARG C 161 1.96 -10.46 -31.63
C ARG C 161 3.45 -10.29 -31.97
N THR C 162 3.73 -9.56 -33.06
CA THR C 162 5.09 -9.23 -33.46
C THR C 162 5.72 -8.30 -32.42
N TYR C 163 6.89 -8.74 -31.91
CA TYR C 163 7.70 -8.00 -30.95
C TYR C 163 8.99 -7.56 -31.64
N TPO C 164 9.89 -6.92 -30.87
CA TPO C 164 11.11 -6.33 -31.40
CB TPO C 164 11.85 -5.57 -30.30
CG2 TPO C 164 13.11 -4.90 -30.81
OG1 TPO C 164 10.97 -4.51 -29.78
P TPO C 164 10.32 -4.64 -28.29
O1P TPO C 164 9.46 -5.88 -28.36
O2P TPO C 164 9.56 -3.32 -28.14
O3P TPO C 164 11.39 -4.79 -27.28
C TPO C 164 12.04 -7.42 -31.91
O TPO C 164 12.18 -8.46 -31.25
N HIS C 165 12.65 -7.19 -33.08
CA HIS C 165 13.44 -8.23 -33.72
C HIS C 165 14.81 -8.33 -33.07
N GLU C 166 15.37 -7.16 -32.73
CA GLU C 166 16.74 -7.06 -32.24
C GLU C 166 16.77 -7.46 -30.77
N VAL C 167 16.68 -8.78 -30.52
CA VAL C 167 16.62 -9.29 -29.16
C VAL C 167 17.54 -10.51 -29.08
N VAL C 168 18.11 -10.69 -27.87
CA VAL C 168 19.01 -11.79 -27.56
C VAL C 168 20.35 -11.53 -28.24
N THR C 169 21.42 -11.64 -27.44
CA THR C 169 22.79 -11.61 -27.94
C THR C 169 22.99 -12.73 -28.99
N LEU C 170 23.82 -12.50 -30.00
CA LEU C 170 23.77 -13.29 -31.22
C LEU C 170 23.81 -14.79 -30.92
N TRP C 171 24.82 -15.20 -30.14
CA TRP C 171 25.12 -16.58 -29.86
C TRP C 171 23.96 -17.31 -29.22
N TYR C 172 23.04 -16.57 -28.58
CA TYR C 172 21.99 -17.17 -27.76
C TYR C 172 20.64 -17.06 -28.44
N ARG C 173 20.65 -16.58 -29.69
CA ARG C 173 19.45 -16.24 -30.43
C ARG C 173 18.91 -17.48 -31.15
N ALA C 174 17.60 -17.70 -31.01
CA ALA C 174 16.91 -18.87 -31.55
C ALA C 174 16.76 -18.74 -33.06
N PRO C 175 16.69 -19.88 -33.78
CA PRO C 175 16.52 -19.86 -35.24
C PRO C 175 15.35 -19.02 -35.77
N GLU C 176 14.23 -18.98 -35.04
CA GLU C 176 13.05 -18.27 -35.53
C GLU C 176 13.29 -16.76 -35.59
N ILE C 177 14.16 -16.24 -34.69
CA ILE C 177 14.50 -14.82 -34.66
C ILE C 177 15.51 -14.51 -35.76
N LEU C 178 16.46 -15.43 -35.96
CA LEU C 178 17.49 -15.25 -36.98
C LEU C 178 16.84 -15.12 -38.35
N LEU C 179 15.84 -15.96 -38.63
CA LEU C 179 15.15 -16.04 -39.90
C LEU C 179 14.04 -14.99 -40.00
N GLY C 180 13.94 -14.08 -39.02
CA GLY C 180 12.98 -12.98 -39.02
C GLY C 180 11.53 -13.46 -39.19
N CYS C 181 11.16 -14.52 -38.46
CA CYS C 181 9.78 -14.96 -38.41
C CYS C 181 8.90 -13.86 -37.83
N LYS C 182 7.65 -13.82 -38.29
CA LYS C 182 6.71 -12.79 -37.86
C LYS C 182 6.53 -12.88 -36.34
N TYR C 183 6.41 -14.10 -35.83
CA TYR C 183 6.10 -14.31 -34.43
C TYR C 183 7.19 -15.16 -33.77
N TYR C 184 7.41 -14.88 -32.48
CA TYR C 184 8.25 -15.68 -31.59
C TYR C 184 7.64 -15.63 -30.20
N SER C 185 7.97 -16.63 -29.37
CA SER C 185 7.28 -16.78 -28.10
C SER C 185 8.27 -17.24 -27.04
N THR C 186 7.76 -17.99 -26.05
CA THR C 186 8.50 -18.42 -24.87
C THR C 186 9.58 -19.42 -25.28
N ALA C 187 9.47 -19.93 -26.52
CA ALA C 187 10.47 -20.83 -27.07
C ALA C 187 11.87 -20.19 -27.12
N VAL C 188 11.97 -18.88 -27.42
CA VAL C 188 13.25 -18.23 -27.61
C VAL C 188 14.07 -18.33 -26.32
N ASP C 189 13.41 -18.29 -25.17
CA ASP C 189 14.13 -18.27 -23.91
C ASP C 189 14.67 -19.66 -23.58
N ILE C 190 13.94 -20.69 -24.01
CA ILE C 190 14.38 -22.06 -23.83
C ILE C 190 15.59 -22.33 -24.72
N TRP C 191 15.58 -21.80 -25.95
CA TRP C 191 16.71 -21.97 -26.83
C TRP C 191 17.97 -21.44 -26.14
N SER C 192 17.85 -20.24 -25.58
CA SER C 192 18.97 -19.61 -24.88
C SER C 192 19.45 -20.50 -23.72
N LEU C 193 18.52 -20.98 -22.88
CA LEU C 193 18.89 -21.87 -21.79
C LEU C 193 19.56 -23.11 -22.34
N GLY C 194 19.09 -23.62 -23.47
CA GLY C 194 19.70 -24.80 -24.06
C GLY C 194 21.17 -24.55 -24.39
N CYS C 195 21.44 -23.41 -25.07
CA CYS C 195 22.81 -23.02 -25.38
C CYS C 195 23.64 -22.85 -24.10
N ILE C 196 23.01 -22.41 -23.01
CA ILE C 196 23.69 -22.20 -21.74
C ILE C 196 23.93 -23.53 -21.04
N PHE C 197 23.00 -24.47 -21.13
CA PHE C 197 23.25 -25.81 -20.63
C PHE C 197 24.55 -26.33 -21.24
N ALA C 198 24.60 -26.34 -22.58
CA ALA C 198 25.75 -26.87 -23.31
C ALA C 198 27.04 -26.23 -22.81
N GLU C 199 27.00 -24.90 -22.62
CA GLU C 199 28.18 -24.10 -22.30
C GLU C 199 28.65 -24.39 -20.87
N MET C 200 27.71 -24.75 -19.99
CA MET C 200 28.05 -25.13 -18.63
C MET C 200 28.85 -26.43 -18.62
N VAL C 201 28.49 -27.35 -19.49
CA VAL C 201 29.20 -28.62 -19.63
C VAL C 201 30.61 -28.43 -20.23
N THR C 202 30.73 -27.62 -21.31
CA THR C 202 31.97 -27.57 -22.07
C THR C 202 32.81 -26.33 -21.72
N ARG C 203 32.22 -25.35 -21.06
CA ARG C 203 32.92 -24.08 -20.71
C ARG C 203 33.25 -23.27 -21.98
N ARG C 204 32.68 -23.63 -23.13
CA ARG C 204 32.80 -22.82 -24.33
C ARG C 204 31.42 -22.73 -24.96
N ALA C 205 31.14 -21.59 -25.60
CA ALA C 205 29.86 -21.30 -26.22
C ALA C 205 29.54 -22.39 -27.23
N LEU C 206 28.24 -22.70 -27.38
CA LEU C 206 27.78 -23.73 -28.29
C LEU C 206 27.80 -23.24 -29.73
N PHE C 207 27.33 -22.00 -29.97
CA PHE C 207 27.21 -21.45 -31.31
C PHE C 207 27.82 -20.05 -31.38
N PRO C 208 29.17 -19.93 -31.40
CA PRO C 208 29.78 -18.60 -31.41
C PRO C 208 29.92 -18.06 -32.82
N GLY C 209 28.82 -17.54 -33.37
CA GLY C 209 28.84 -17.00 -34.72
C GLY C 209 29.43 -15.59 -34.76
N ASP C 210 30.00 -15.23 -35.93
CA ASP C 210 30.59 -13.94 -36.22
C ASP C 210 29.60 -13.05 -36.97
N SER C 211 28.47 -13.63 -37.37
CA SER C 211 27.46 -12.94 -38.14
C SER C 211 26.17 -13.76 -38.09
N GLU C 212 25.09 -13.18 -38.60
CA GLU C 212 23.80 -13.86 -38.59
C GLU C 212 23.87 -15.13 -39.42
N ILE C 213 24.50 -15.01 -40.60
CA ILE C 213 24.60 -16.12 -41.54
C ILE C 213 25.46 -17.23 -40.94
N ASP C 214 26.58 -16.86 -40.30
CA ASP C 214 27.49 -17.79 -39.65
C ASP C 214 26.78 -18.49 -38.51
N GLN C 215 25.94 -17.74 -37.78
CA GLN C 215 25.17 -18.29 -36.67
C GLN C 215 24.25 -19.39 -37.18
N LEU C 216 23.54 -19.10 -38.29
CA LEU C 216 22.62 -20.04 -38.91
C LEU C 216 23.36 -21.32 -39.30
N PHE C 217 24.50 -21.14 -39.99
CA PHE C 217 25.24 -22.29 -40.49
C PHE C 217 25.73 -23.12 -39.31
N ARG C 218 26.17 -22.46 -38.23
CA ARG C 218 26.68 -23.15 -37.05
C ARG C 218 25.60 -23.99 -36.38
N ILE C 219 24.36 -23.52 -36.43
CA ILE C 219 23.23 -24.28 -35.82
C ILE C 219 22.85 -25.41 -36.77
N PHE C 220 22.59 -25.07 -38.04
CA PHE C 220 22.18 -26.07 -39.05
C PHE C 220 23.11 -27.26 -38.99
N ARG C 221 24.41 -27.03 -39.04
CA ARG C 221 25.36 -28.16 -39.08
C ARG C 221 25.21 -29.03 -37.84
N THR C 222 25.10 -28.43 -36.65
CA THR C 222 25.10 -29.22 -35.41
C THR C 222 23.85 -30.04 -35.30
N LEU C 223 22.74 -29.60 -35.89
CA LEU C 223 21.50 -30.32 -35.68
C LEU C 223 20.90 -30.81 -36.99
N GLY C 224 21.70 -30.87 -38.08
CA GLY C 224 21.20 -31.27 -39.38
C GLY C 224 20.27 -30.20 -39.95
N THR C 225 19.88 -30.36 -41.23
CA THR C 225 19.10 -29.36 -41.96
C THR C 225 19.92 -28.09 -42.14
N SER C 253 25.56 -37.72 -32.04
CA SER C 253 26.21 -36.42 -31.82
C SER C 253 26.67 -36.27 -30.37
N LYS C 254 28.00 -36.21 -30.21
CA LYS C 254 28.64 -35.91 -28.93
C LYS C 254 29.25 -34.53 -29.02
N VAL C 255 28.38 -33.52 -29.25
CA VAL C 255 28.72 -32.11 -29.18
C VAL C 255 29.05 -31.78 -27.73
N VAL C 256 28.42 -32.51 -26.81
CA VAL C 256 28.71 -32.43 -25.38
C VAL C 256 29.08 -33.83 -24.88
N PRO C 257 30.39 -34.15 -24.70
CA PRO C 257 30.81 -35.47 -24.21
C PRO C 257 30.36 -35.89 -22.82
N PRO C 258 30.64 -35.12 -21.72
CA PRO C 258 30.37 -35.62 -20.37
C PRO C 258 28.90 -35.85 -20.02
N LEU C 259 28.00 -35.63 -20.98
CA LEU C 259 26.57 -35.60 -20.70
C LEU C 259 25.94 -36.98 -20.87
N ASP C 260 25.23 -37.41 -19.83
CA ASP C 260 24.51 -38.70 -19.84
C ASP C 260 23.39 -38.63 -20.89
N GLU C 261 22.65 -39.73 -21.02
CA GLU C 261 21.59 -39.86 -22.00
C GLU C 261 20.37 -39.02 -21.62
N ASP C 262 20.13 -38.85 -20.31
CA ASP C 262 19.05 -37.99 -19.87
C ASP C 262 19.38 -36.55 -20.29
N GLY C 263 20.63 -36.15 -20.01
CA GLY C 263 21.11 -34.82 -20.36
C GLY C 263 20.95 -34.53 -21.85
N ARG C 264 21.45 -35.44 -22.70
CA ARG C 264 21.41 -35.26 -24.13
C ARG C 264 19.96 -35.12 -24.61
N SER C 265 19.08 -35.87 -23.95
CA SER C 265 17.66 -35.87 -24.29
C SER C 265 17.06 -34.48 -24.02
N LEU C 266 17.32 -33.94 -22.82
CA LEU C 266 16.81 -32.64 -22.43
C LEU C 266 17.32 -31.57 -23.39
N LEU C 267 18.65 -31.54 -23.56
CA LEU C 267 19.31 -30.55 -24.39
C LEU C 267 18.68 -30.49 -25.78
N SER C 268 18.53 -31.68 -26.40
CA SER C 268 18.01 -31.77 -27.76
C SER C 268 16.57 -31.29 -27.82
N GLN C 269 15.80 -31.56 -26.76
CA GLN C 269 14.44 -31.06 -26.64
C GLN C 269 14.40 -29.55 -26.43
N MET C 270 15.44 -29.00 -25.80
CA MET C 270 15.54 -27.55 -25.62
C MET C 270 16.04 -26.90 -26.91
N LEU C 271 16.87 -27.62 -27.67
CA LEU C 271 17.45 -27.05 -28.87
C LEU C 271 16.75 -27.54 -30.12
N HIS C 272 15.48 -27.94 -30.01
CA HIS C 272 14.68 -28.33 -31.16
C HIS C 272 14.46 -27.11 -32.08
N TYR C 273 14.45 -27.36 -33.38
CA TYR C 273 14.37 -26.29 -34.38
C TYR C 273 12.95 -25.71 -34.45
N ASP C 274 11.92 -26.58 -34.41
CA ASP C 274 10.55 -26.10 -34.45
C ASP C 274 10.23 -25.50 -33.08
N PRO C 275 9.92 -24.18 -33.00
CA PRO C 275 9.54 -23.54 -31.72
C PRO C 275 8.39 -24.29 -31.04
N ASN C 276 7.48 -24.84 -31.84
CA ASN C 276 6.30 -25.54 -31.33
C ASN C 276 6.71 -26.88 -30.68
N LYS C 277 7.81 -27.47 -31.15
CA LYS C 277 8.21 -28.79 -30.69
C LYS C 277 9.25 -28.68 -29.57
N ARG C 278 9.74 -27.45 -29.34
CA ARG C 278 10.72 -27.20 -28.30
C ARG C 278 10.01 -27.36 -26.95
N ILE C 279 10.70 -28.03 -26.00
CA ILE C 279 10.17 -28.21 -24.67
C ILE C 279 9.91 -26.84 -24.03
N SER C 280 8.86 -26.78 -23.20
CA SER C 280 8.60 -25.58 -22.39
C SER C 280 9.41 -25.72 -21.11
N ALA C 281 9.64 -24.60 -20.42
CA ALA C 281 10.34 -24.64 -19.14
C ALA C 281 9.59 -25.56 -18.17
N LYS C 282 8.26 -25.53 -18.21
CA LYS C 282 7.46 -26.27 -17.24
C LYS C 282 7.63 -27.77 -17.47
N ALA C 283 7.46 -28.21 -18.72
CA ALA C 283 7.72 -29.59 -19.07
C ALA C 283 9.14 -30.01 -18.67
N ALA C 284 10.13 -29.18 -19.01
CA ALA C 284 11.53 -29.48 -18.76
C ALA C 284 11.78 -29.78 -17.30
N LEU C 285 11.01 -29.17 -16.39
CA LEU C 285 11.16 -29.38 -14.95
C LEU C 285 10.77 -30.79 -14.54
N ALA C 286 9.92 -31.44 -15.35
CA ALA C 286 9.54 -32.83 -15.13
C ALA C 286 10.60 -33.79 -15.70
N HIS C 287 11.42 -33.35 -16.68
CA HIS C 287 12.34 -34.24 -17.36
C HIS C 287 13.17 -35.10 -16.40
N PRO C 288 13.29 -36.43 -16.68
CA PRO C 288 14.09 -37.38 -15.90
C PRO C 288 15.50 -37.02 -15.43
N PHE C 289 16.14 -36.08 -16.16
CA PHE C 289 17.50 -35.66 -15.84
C PHE C 289 17.55 -35.01 -14.45
N PHE C 290 16.37 -34.61 -13.94
CA PHE C 290 16.29 -33.82 -12.70
C PHE C 290 15.81 -34.66 -11.53
N GLN C 291 15.44 -35.92 -11.77
CA GLN C 291 14.87 -36.78 -10.73
C GLN C 291 15.73 -36.75 -9.46
N ASP C 292 17.04 -36.53 -9.62
CA ASP C 292 17.99 -36.73 -8.54
C ASP C 292 18.73 -35.42 -8.26
N VAL C 293 18.09 -34.29 -8.59
CA VAL C 293 18.73 -32.98 -8.44
C VAL C 293 18.93 -32.69 -6.96
N THR C 294 20.12 -32.16 -6.65
CA THR C 294 20.47 -31.63 -5.33
C THR C 294 20.76 -30.14 -5.50
N LYS C 295 21.36 -29.52 -4.49
CA LYS C 295 21.76 -28.12 -4.55
C LYS C 295 23.18 -27.95 -3.99
N PRO C 296 24.24 -28.33 -4.74
CA PRO C 296 25.62 -28.14 -4.28
C PRO C 296 26.07 -26.68 -4.25
N VAL C 297 26.99 -26.36 -3.32
CA VAL C 297 27.56 -25.03 -3.27
C VAL C 297 28.72 -24.95 -4.26
N PRO C 298 28.94 -23.83 -4.98
CA PRO C 298 30.03 -23.77 -5.97
C PRO C 298 31.34 -23.50 -5.23
N HIS C 299 32.47 -23.76 -5.89
CA HIS C 299 33.77 -23.50 -5.31
C HIS C 299 34.16 -22.06 -5.67
N LEU C 300 34.06 -21.17 -4.69
CA LEU C 300 34.33 -19.75 -4.92
C LEU C 300 35.47 -19.34 -3.98
N GLY D 1 -0.07 -23.72 -31.45
CA GLY D 1 1.36 -23.35 -31.52
C GLY D 1 1.83 -22.70 -30.20
N VAL D 2 3.17 -22.68 -30.07
CA VAL D 2 3.83 -22.07 -28.93
C VAL D 2 3.43 -20.59 -28.88
N ASN D 3 3.04 -20.06 -30.05
CA ASN D 3 2.51 -18.71 -30.18
C ASN D 3 1.29 -18.49 -29.28
N GLU D 4 0.63 -19.60 -28.90
CA GLU D 4 -0.57 -19.55 -28.06
C GLU D 4 -0.24 -20.05 -26.65
N VAL D 5 1.07 -20.15 -26.34
CA VAL D 5 1.61 -20.69 -25.10
C VAL D 5 0.70 -21.72 -24.42
N PRO D 6 0.51 -22.91 -25.04
CA PRO D 6 -0.25 -24.01 -24.43
C PRO D 6 0.03 -24.32 -22.96
N ASP D 7 1.31 -24.44 -22.59
CA ASP D 7 1.65 -24.89 -21.25
C ASP D 7 1.50 -23.77 -20.22
N TYR D 8 1.12 -22.55 -20.63
CA TYR D 8 1.04 -21.41 -19.73
C TYR D 8 -0.28 -20.64 -19.80
N HIS D 9 -1.08 -20.79 -20.88
CA HIS D 9 -2.24 -19.93 -21.11
C HIS D 9 -3.14 -19.83 -19.87
N GLU D 10 -3.22 -20.93 -19.10
CA GLU D 10 -4.11 -20.95 -17.95
C GLU D 10 -3.49 -20.21 -16.77
N ASP D 11 -2.21 -20.51 -16.49
CA ASP D 11 -1.45 -19.78 -15.48
C ASP D 11 -1.55 -18.27 -15.75
N ILE D 12 -1.47 -17.88 -17.02
CA ILE D 12 -1.44 -16.49 -17.42
C ILE D 12 -2.81 -15.85 -17.21
N HIS D 13 -3.87 -16.56 -17.59
CA HIS D 13 -5.24 -16.09 -17.40
C HIS D 13 -5.50 -15.87 -15.91
N THR D 14 -5.14 -16.85 -15.07
CA THR D 14 -5.38 -16.76 -13.64
C THR D 14 -4.68 -15.52 -13.09
N TYR D 15 -3.43 -15.30 -13.55
CA TYR D 15 -2.61 -14.20 -13.07
C TYR D 15 -3.27 -12.87 -13.47
N LEU D 16 -3.64 -12.74 -14.75
CA LEU D 16 -4.25 -11.52 -15.25
C LEU D 16 -5.53 -11.19 -14.49
N ARG D 17 -6.33 -12.21 -14.11
CA ARG D 17 -7.55 -11.98 -13.36
C ARG D 17 -7.21 -11.33 -12.01
N GLU D 18 -6.17 -11.87 -11.38
CA GLU D 18 -5.64 -11.38 -10.13
C GLU D 18 -5.22 -9.92 -10.28
N MET D 19 -4.51 -9.62 -11.37
CA MET D 19 -3.87 -8.34 -11.58
C MET D 19 -4.85 -7.24 -11.99
N GLU D 20 -5.92 -7.60 -12.74
CA GLU D 20 -6.93 -6.64 -13.12
C GLU D 20 -7.64 -6.11 -11.88
N VAL D 21 -7.74 -6.94 -10.83
CA VAL D 21 -8.34 -6.48 -9.59
C VAL D 21 -7.43 -5.43 -8.97
N LYS D 22 -6.12 -5.67 -8.99
CA LYS D 22 -5.16 -4.72 -8.36
C LYS D 22 -5.07 -3.41 -9.13
N CYS D 23 -5.12 -3.47 -10.46
CA CYS D 23 -4.95 -2.26 -11.27
C CYS D 23 -6.28 -1.55 -11.55
N LYS D 24 -7.34 -1.88 -10.80
CA LYS D 24 -8.67 -1.35 -11.09
C LYS D 24 -8.79 0.07 -10.52
N PRO D 25 -9.25 1.07 -11.31
CA PRO D 25 -9.48 2.41 -10.80
C PRO D 25 -10.56 2.44 -9.72
N LYS D 26 -10.69 3.56 -9.04
CA LYS D 26 -11.80 3.75 -8.06
C LYS D 26 -13.08 4.00 -8.86
N VAL D 27 -14.14 3.22 -8.62
CA VAL D 27 -15.39 3.32 -9.42
C VAL D 27 -15.99 4.73 -9.33
N GLY D 28 -15.87 5.38 -8.18
CA GLY D 28 -16.51 6.70 -8.04
C GLY D 28 -15.51 7.81 -7.91
N TYR D 29 -14.55 7.90 -8.84
CA TYR D 29 -13.48 8.91 -8.68
C TYR D 29 -13.94 10.25 -9.22
N MET D 30 -14.80 10.23 -10.24
CA MET D 30 -15.20 11.52 -10.87
C MET D 30 -16.04 12.32 -9.89
N LYS D 31 -16.83 11.67 -9.03
CA LYS D 31 -17.53 12.48 -8.05
C LYS D 31 -16.53 13.27 -7.21
N LYS D 32 -15.40 12.63 -6.85
CA LYS D 32 -14.37 13.24 -6.02
C LYS D 32 -13.50 14.26 -6.76
N GLN D 33 -13.59 14.34 -8.11
CA GLN D 33 -12.88 15.34 -8.91
C GLN D 33 -13.72 16.61 -9.02
N PRO D 34 -13.32 17.69 -8.33
CA PRO D 34 -14.15 18.90 -8.26
C PRO D 34 -14.24 19.66 -9.60
N ASP D 35 -13.25 19.44 -10.47
CA ASP D 35 -13.11 20.27 -11.65
C ASP D 35 -13.32 19.52 -12.96
N ILE D 36 -13.32 18.18 -12.94
CA ILE D 36 -13.47 17.44 -14.18
C ILE D 36 -14.63 16.46 -14.07
N THR D 37 -15.16 16.02 -15.23
CA THR D 37 -16.38 15.24 -15.32
C THR D 37 -16.20 14.07 -16.26
N ASN D 38 -17.22 13.20 -16.32
CA ASN D 38 -17.20 12.03 -17.19
C ASN D 38 -17.12 12.48 -18.64
N SER D 39 -17.78 13.60 -18.93
CA SER D 39 -17.89 14.16 -20.26
C SER D 39 -16.51 14.60 -20.75
N MET D 40 -15.79 15.29 -19.86
CA MET D 40 -14.43 15.71 -20.19
C MET D 40 -13.55 14.49 -20.43
N ARG D 41 -13.71 13.46 -19.61
CA ARG D 41 -12.93 12.23 -19.77
C ARG D 41 -13.21 11.60 -21.13
N ALA D 42 -14.47 11.68 -21.59
CA ALA D 42 -14.91 11.13 -22.86
C ALA D 42 -14.25 11.85 -24.03
N ILE D 43 -14.17 13.18 -23.93
CA ILE D 43 -13.47 13.94 -24.94
C ILE D 43 -12.01 13.48 -25.03
N LEU D 44 -11.39 13.26 -23.87
CA LEU D 44 -9.99 12.91 -23.80
C LEU D 44 -9.77 11.54 -24.44
N VAL D 45 -10.57 10.55 -24.03
CA VAL D 45 -10.38 9.21 -24.53
C VAL D 45 -10.61 9.18 -26.04
N ASP D 46 -11.62 9.95 -26.51
CA ASP D 46 -11.91 9.98 -27.93
C ASP D 46 -10.75 10.61 -28.69
N TRP D 47 -10.11 11.60 -28.05
CA TRP D 47 -8.91 12.20 -28.63
C TRP D 47 -7.75 11.20 -28.67
N LEU D 48 -7.61 10.40 -27.61
CA LEU D 48 -6.57 9.39 -27.60
C LEU D 48 -6.77 8.34 -28.71
N VAL D 49 -8.03 8.04 -29.08
CA VAL D 49 -8.31 7.14 -30.18
C VAL D 49 -7.77 7.73 -31.49
N GLU D 50 -8.09 9.00 -31.74
CA GLU D 50 -7.56 9.70 -32.90
C GLU D 50 -6.04 9.62 -32.92
N VAL D 51 -5.41 9.96 -31.79
CA VAL D 51 -3.96 9.90 -31.65
C VAL D 51 -3.42 8.51 -32.01
N GLY D 52 -4.07 7.45 -31.52
CA GLY D 52 -3.71 6.09 -31.86
C GLY D 52 -3.76 5.79 -33.36
N GLU D 53 -4.72 6.39 -34.09
CA GLU D 53 -4.90 6.16 -35.53
C GLU D 53 -3.89 6.98 -36.33
N GLU D 54 -3.70 8.24 -35.94
CA GLU D 54 -2.70 9.11 -36.56
C GLU D 54 -1.31 8.48 -36.51
N TYR D 55 -0.99 7.72 -35.46
CA TYR D 55 0.38 7.25 -35.27
C TYR D 55 0.45 5.73 -35.41
N LYS D 56 -0.66 5.11 -35.82
CA LYS D 56 -0.77 3.68 -36.07
C LYS D 56 -0.21 2.91 -34.87
N LEU D 57 -0.70 3.26 -33.68
CA LEU D 57 -0.34 2.60 -32.44
C LEU D 57 -1.23 1.38 -32.26
N GLN D 58 -0.69 0.37 -31.59
CA GLN D 58 -1.45 -0.81 -31.17
C GLN D 58 -2.68 -0.37 -30.40
N ASN D 59 -3.75 -1.13 -30.55
CA ASN D 59 -4.96 -0.95 -29.75
C ASN D 59 -4.66 -1.13 -28.26
N GLU D 60 -3.76 -2.07 -27.95
CA GLU D 60 -3.33 -2.37 -26.59
C GLU D 60 -2.81 -1.09 -25.91
N THR D 61 -2.06 -0.29 -26.67
CA THR D 61 -1.48 0.95 -26.21
C THR D 61 -2.59 1.90 -25.77
N LEU D 62 -3.66 1.98 -26.57
CA LEU D 62 -4.81 2.80 -26.22
C LEU D 62 -5.39 2.35 -24.88
N HIS D 63 -5.56 1.05 -24.72
CA HIS D 63 -6.23 0.55 -23.51
C HIS D 63 -5.37 0.78 -22.28
N LEU D 64 -4.04 0.62 -22.43
CA LEU D 64 -3.13 0.82 -21.32
C LEU D 64 -3.21 2.28 -20.86
N ALA D 65 -3.19 3.20 -21.85
CA ALA D 65 -3.22 4.64 -21.55
C ALA D 65 -4.45 5.00 -20.74
N VAL D 66 -5.61 4.43 -21.10
CA VAL D 66 -6.85 4.68 -20.39
C VAL D 66 -6.75 4.13 -18.96
N ASN D 67 -6.17 2.93 -18.78
CA ASN D 67 -5.98 2.35 -17.44
C ASN D 67 -5.14 3.31 -16.58
N TYR D 68 -4.07 3.85 -17.21
CA TYR D 68 -3.15 4.75 -16.52
C TYR D 68 -3.86 6.05 -16.10
N ILE D 69 -4.74 6.59 -16.99
CA ILE D 69 -5.48 7.81 -16.72
C ILE D 69 -6.44 7.62 -15.54
N ASP D 70 -7.24 6.55 -15.61
CA ASP D 70 -8.23 6.30 -14.58
C ASP D 70 -7.57 6.09 -13.22
N ARG D 71 -6.48 5.33 -13.16
CA ARG D 71 -5.78 5.13 -11.90
C ARG D 71 -5.18 6.43 -11.36
N PHE D 72 -4.65 7.25 -12.26
CA PHE D 72 -4.04 8.51 -11.87
C PHE D 72 -5.10 9.44 -11.26
N LEU D 73 -6.24 9.57 -11.96
CA LEU D 73 -7.33 10.39 -11.49
C LEU D 73 -8.05 9.77 -10.29
N SER D 74 -7.75 8.50 -10.00
CA SER D 74 -8.24 7.84 -8.79
C SER D 74 -7.51 8.36 -7.56
N SER D 75 -6.30 8.93 -7.73
CA SER D 75 -5.59 9.43 -6.57
C SER D 75 -5.13 10.88 -6.69
N MET D 76 -5.27 11.52 -7.85
CA MET D 76 -4.79 12.90 -8.00
C MET D 76 -5.91 13.82 -8.49
N SER D 77 -6.17 14.90 -7.74
CA SER D 77 -7.01 15.97 -8.24
C SER D 77 -6.29 16.62 -9.42
N VAL D 78 -7.04 16.86 -10.52
CA VAL D 78 -6.50 17.53 -11.70
C VAL D 78 -7.47 18.60 -12.15
N LEU D 79 -6.96 19.80 -12.45
CA LEU D 79 -7.73 20.86 -13.10
C LEU D 79 -7.94 20.54 -14.59
N ARG D 80 -8.96 21.18 -15.15
CA ARG D 80 -9.45 20.90 -16.48
C ARG D 80 -8.37 21.17 -17.53
N GLY D 81 -7.61 22.26 -17.35
CA GLY D 81 -6.53 22.64 -18.24
C GLY D 81 -5.33 21.70 -18.19
N LYS D 82 -5.33 20.71 -17.29
CA LYS D 82 -4.22 19.80 -17.18
C LYS D 82 -4.65 18.38 -17.53
N LEU D 83 -5.95 18.18 -17.77
CA LEU D 83 -6.44 16.84 -18.07
C LEU D 83 -5.71 16.27 -19.30
N GLN D 84 -5.59 17.08 -20.36
CA GLN D 84 -4.93 16.63 -21.57
C GLN D 84 -3.45 16.32 -21.31
N LEU D 85 -2.84 17.05 -20.36
CA LEU D 85 -1.44 16.81 -20.04
C LEU D 85 -1.28 15.41 -19.46
N VAL D 86 -2.16 15.02 -18.54
CA VAL D 86 -2.16 13.70 -17.94
C VAL D 86 -2.34 12.62 -19.03
N GLY D 87 -3.31 12.85 -19.93
CA GLY D 87 -3.57 11.93 -21.03
C GLY D 87 -2.38 11.75 -21.99
N THR D 88 -1.73 12.87 -22.36
CA THR D 88 -0.60 12.80 -23.28
C THR D 88 0.52 12.00 -22.63
N ALA D 89 0.77 12.27 -21.34
CA ALA D 89 1.83 11.57 -20.63
C ALA D 89 1.48 10.10 -20.51
N ALA D 90 0.20 9.81 -20.28
CA ALA D 90 -0.25 8.43 -20.19
C ALA D 90 0.02 7.69 -21.51
N MET D 91 -0.33 8.33 -22.63
CA MET D 91 -0.19 7.76 -23.96
C MET D 91 1.30 7.52 -24.23
N LEU D 92 2.13 8.50 -23.82
CA LEU D 92 3.56 8.37 -23.96
C LEU D 92 4.05 7.12 -23.23
N LEU D 93 3.67 6.99 -21.96
CA LEU D 93 4.12 5.89 -21.15
C LEU D 93 3.65 4.57 -21.72
N ALA D 94 2.37 4.50 -22.10
CA ALA D 94 1.81 3.30 -22.73
C ALA D 94 2.63 2.94 -23.97
N SER D 95 2.99 3.94 -24.78
CA SER D 95 3.73 3.73 -26.01
C SER D 95 5.10 3.11 -25.71
N LYS D 96 5.81 3.71 -24.76
CA LYS D 96 7.09 3.17 -24.33
C LYS D 96 6.95 1.74 -23.80
N PHE D 97 5.86 1.44 -23.09
CA PHE D 97 5.68 0.12 -22.53
C PHE D 97 5.47 -0.90 -23.65
N GLU D 98 4.60 -0.56 -24.61
CA GLU D 98 3.97 -1.54 -25.48
C GLU D 98 4.52 -1.52 -26.90
N GLU D 99 4.85 -0.34 -27.44
CA GLU D 99 5.18 -0.23 -28.87
C GLU D 99 6.63 -0.64 -29.12
N ILE D 100 6.87 -1.23 -30.29
CA ILE D 100 8.21 -1.54 -30.75
C ILE D 100 8.93 -0.25 -31.09
N TYR D 101 8.21 0.62 -31.81
CA TYR D 101 8.72 1.91 -32.29
C TYR D 101 7.83 3.04 -31.76
N PRO D 102 7.95 3.44 -30.48
CA PRO D 102 7.08 4.47 -29.94
C PRO D 102 7.33 5.81 -30.64
N PRO D 103 6.32 6.67 -30.76
CA PRO D 103 6.58 8.02 -31.27
C PRO D 103 7.52 8.67 -30.25
N GLU D 104 8.31 9.62 -30.72
CA GLU D 104 9.18 10.39 -29.85
C GLU D 104 8.36 11.38 -29.03
N VAL D 105 9.00 11.92 -27.98
CA VAL D 105 8.34 12.85 -27.07
C VAL D 105 7.85 14.07 -27.84
N ALA D 106 8.62 14.52 -28.84
CA ALA D 106 8.25 15.69 -29.62
C ALA D 106 6.92 15.50 -30.34
N GLU D 107 6.62 14.25 -30.74
CA GLU D 107 5.34 13.97 -31.37
C GLU D 107 4.20 14.12 -30.36
N PHE D 108 4.47 13.78 -29.10
CA PHE D 108 3.44 13.90 -28.08
C PHE D 108 3.17 15.37 -27.77
N VAL D 109 4.20 16.22 -27.91
CA VAL D 109 4.03 17.64 -27.72
C VAL D 109 3.22 18.20 -28.90
N TYR D 110 3.56 17.78 -30.12
CA TYR D 110 2.95 18.26 -31.33
C TYR D 110 1.43 18.05 -31.29
N ILE D 111 0.97 16.87 -30.86
CA ILE D 111 -0.46 16.59 -30.85
C ILE D 111 -1.29 17.42 -29.85
N THR D 112 -0.64 18.18 -28.94
CA THR D 112 -1.40 18.99 -28.00
C THR D 112 -1.46 20.46 -28.46
N ASP D 113 -1.12 20.72 -29.74
CA ASP D 113 -1.12 22.04 -30.36
C ASP D 113 -0.33 23.07 -29.54
N ASP D 114 0.79 22.62 -28.94
CA ASP D 114 1.57 23.50 -28.07
C ASP D 114 0.70 24.14 -26.97
N THR D 115 -0.40 23.46 -26.58
CA THR D 115 -1.02 23.73 -25.28
C THR D 115 0.02 23.57 -24.17
N TYR D 116 0.92 22.58 -24.32
CA TYR D 116 1.87 22.21 -23.30
C TYR D 116 3.28 22.20 -23.89
N THR D 117 4.27 22.53 -23.04
CA THR D 117 5.68 22.47 -23.38
C THR D 117 6.18 21.04 -23.24
N LYS D 118 7.29 20.76 -23.92
CA LYS D 118 7.98 19.50 -23.78
C LYS D 118 8.31 19.20 -22.32
N LYS D 119 8.79 20.19 -21.58
CA LYS D 119 9.16 20.02 -20.18
C LYS D 119 7.96 19.58 -19.36
N GLN D 120 6.79 20.16 -19.65
CA GLN D 120 5.57 19.76 -18.95
C GLN D 120 5.26 18.29 -19.18
N VAL D 121 5.33 17.84 -20.44
CA VAL D 121 5.05 16.45 -20.77
C VAL D 121 6.02 15.52 -20.04
N LEU D 122 7.30 15.91 -20.04
CA LEU D 122 8.38 15.09 -19.47
C LEU D 122 8.22 15.00 -17.97
N ARG D 123 7.86 16.12 -17.34
CA ARG D 123 7.61 16.12 -15.91
C ARG D 123 6.35 15.31 -15.56
N MET D 124 5.31 15.38 -16.40
CA MET D 124 4.08 14.67 -16.12
C MET D 124 4.35 13.18 -16.23
N GLU D 125 5.24 12.80 -17.15
CA GLU D 125 5.64 11.41 -17.32
C GLU D 125 6.15 10.89 -15.99
N HIS D 126 7.02 11.68 -15.36
CA HIS D 126 7.58 11.30 -14.07
C HIS D 126 6.49 11.24 -13.00
N LEU D 127 5.60 12.24 -12.94
CA LEU D 127 4.59 12.24 -11.90
C LEU D 127 3.68 11.01 -12.04
N VAL D 128 3.31 10.67 -13.28
CA VAL D 128 2.47 9.50 -13.52
C VAL D 128 3.18 8.23 -13.07
N LEU D 129 4.48 8.11 -13.37
CA LEU D 129 5.23 6.94 -12.94
C LEU D 129 5.18 6.80 -11.43
N LYS D 130 5.31 7.94 -10.74
CA LYS D 130 5.39 7.95 -9.28
C LYS D 130 4.03 7.58 -8.69
N VAL D 131 2.96 8.13 -9.28
CA VAL D 131 1.62 7.90 -8.77
C VAL D 131 1.23 6.44 -8.98
N LEU D 132 1.59 5.85 -10.12
CA LEU D 132 1.31 4.45 -10.39
C LEU D 132 2.39 3.54 -9.78
N ALA D 133 3.45 4.12 -9.17
CA ALA D 133 4.57 3.35 -8.64
C ALA D 133 5.16 2.40 -9.69
N PHE D 134 5.21 2.83 -10.97
CA PHE D 134 5.74 2.03 -12.07
C PHE D 134 4.99 0.70 -12.28
N ASP D 135 3.72 0.65 -11.85
CA ASP D 135 2.95 -0.56 -11.97
C ASP D 135 2.16 -0.49 -13.28
N LEU D 136 2.84 -0.76 -14.41
CA LEU D 136 2.34 -0.40 -15.73
C LEU D 136 1.79 -1.59 -16.52
N ALA D 137 2.14 -2.83 -16.14
CA ALA D 137 1.70 -3.99 -16.89
C ALA D 137 0.27 -4.37 -16.49
N ALA D 138 -0.67 -3.46 -16.77
CA ALA D 138 -2.08 -3.65 -16.46
C ALA D 138 -2.73 -4.59 -17.48
N PRO D 139 -3.53 -5.58 -17.02
CA PRO D 139 -4.34 -6.36 -17.96
C PRO D 139 -5.45 -5.47 -18.54
N THR D 140 -5.67 -5.62 -19.86
CA THR D 140 -6.65 -4.83 -20.61
C THR D 140 -7.79 -5.70 -21.10
N ILE D 141 -8.86 -5.08 -21.60
CA ILE D 141 -9.95 -5.77 -22.27
C ILE D 141 -9.40 -6.62 -23.41
N ASN D 142 -8.52 -5.99 -24.20
CA ASN D 142 -7.88 -6.55 -25.39
C ASN D 142 -7.14 -7.84 -25.02
N GLN D 143 -6.46 -7.88 -23.86
CA GLN D 143 -5.64 -9.02 -23.44
C GLN D 143 -6.50 -10.25 -23.14
N PHE D 144 -7.75 -10.01 -22.71
CA PHE D 144 -8.72 -11.06 -22.49
C PHE D 144 -9.37 -11.48 -23.82
N LEU D 145 -9.78 -10.50 -24.63
CA LEU D 145 -10.36 -10.73 -25.96
C LEU D 145 -9.46 -11.65 -26.81
N THR D 146 -8.14 -11.41 -26.83
CA THR D 146 -7.28 -12.13 -27.76
C THR D 146 -7.27 -13.61 -27.36
N GLN D 147 -7.39 -13.88 -26.05
CA GLN D 147 -7.47 -15.22 -25.49
C GLN D 147 -8.82 -15.87 -25.81
N TYR D 148 -9.89 -15.05 -25.70
CA TYR D 148 -11.24 -15.53 -25.88
C TYR D 148 -11.43 -15.89 -27.36
N PHE D 149 -10.76 -15.15 -28.25
CA PHE D 149 -10.83 -15.37 -29.69
C PHE D 149 -10.35 -16.78 -30.04
N LEU D 150 -9.50 -17.37 -29.19
CA LEU D 150 -8.98 -18.72 -29.42
C LEU D 150 -10.07 -19.78 -29.25
N HIS D 151 -11.16 -19.46 -28.57
CA HIS D 151 -12.24 -20.42 -28.38
C HIS D 151 -13.32 -20.20 -29.42
N GLN D 152 -12.93 -19.73 -30.60
CA GLN D 152 -13.86 -19.63 -31.72
C GLN D 152 -13.88 -20.94 -32.49
N GLN D 153 -14.88 -21.10 -33.38
CA GLN D 153 -14.94 -22.20 -34.32
C GLN D 153 -15.97 -21.90 -35.42
N PRO D 154 -15.53 -21.50 -36.63
CA PRO D 154 -14.13 -21.15 -36.88
C PRO D 154 -13.86 -19.78 -36.28
N ALA D 155 -12.75 -19.13 -36.67
CA ALA D 155 -12.51 -17.76 -36.24
C ALA D 155 -13.08 -16.78 -37.28
N ASN D 156 -14.00 -15.90 -36.85
CA ASN D 156 -14.57 -14.89 -37.73
C ASN D 156 -13.84 -13.57 -37.46
N CYS D 157 -13.38 -12.93 -38.53
CA CYS D 157 -12.61 -11.70 -38.42
C CYS D 157 -13.54 -10.50 -38.21
N LYS D 158 -14.81 -10.64 -38.63
CA LYS D 158 -15.82 -9.62 -38.37
C LYS D 158 -16.20 -9.65 -36.89
N VAL D 159 -16.37 -10.86 -36.34
CA VAL D 159 -16.60 -11.03 -34.91
C VAL D 159 -15.46 -10.32 -34.15
N GLU D 160 -14.21 -10.70 -34.44
CA GLU D 160 -13.06 -10.13 -33.77
C GLU D 160 -13.11 -8.61 -33.84
N SER D 161 -13.15 -8.06 -35.06
CA SER D 161 -13.17 -6.63 -35.27
C SER D 161 -14.32 -5.94 -34.55
N LEU D 162 -15.49 -6.62 -34.46
CA LEU D 162 -16.64 -6.05 -33.78
C LEU D 162 -16.45 -6.07 -32.25
N ALA D 163 -15.88 -7.16 -31.72
CA ALA D 163 -15.64 -7.22 -30.28
C ALA D 163 -14.63 -6.13 -29.88
N MET D 164 -13.51 -6.03 -30.63
CA MET D 164 -12.53 -4.97 -30.41
C MET D 164 -13.21 -3.61 -30.34
N PHE D 165 -14.15 -3.36 -31.26
CA PHE D 165 -14.87 -2.11 -31.40
C PHE D 165 -15.72 -1.81 -30.18
N LEU D 166 -16.47 -2.81 -29.69
CA LEU D 166 -17.34 -2.64 -28.55
C LEU D 166 -16.50 -2.36 -27.31
N GLY D 167 -15.44 -3.17 -27.13
CA GLY D 167 -14.51 -3.01 -26.04
C GLY D 167 -13.99 -1.57 -25.98
N GLU D 168 -13.68 -1.01 -27.16
CA GLU D 168 -13.16 0.34 -27.23
C GLU D 168 -14.24 1.38 -26.92
N LEU D 169 -15.49 1.11 -27.29
CA LEU D 169 -16.57 2.03 -26.92
C LEU D 169 -16.65 2.18 -25.40
N SER D 170 -16.38 1.10 -24.65
CA SER D 170 -16.48 1.15 -23.19
C SER D 170 -15.43 2.09 -22.59
N LEU D 171 -14.27 2.26 -23.26
CA LEU D 171 -13.21 3.13 -22.77
C LEU D 171 -13.72 4.55 -22.55
N ILE D 172 -14.69 4.98 -23.39
CA ILE D 172 -15.10 6.37 -23.50
C ILE D 172 -15.93 6.84 -22.29
N ASP D 173 -16.75 5.93 -21.75
CA ASP D 173 -17.78 6.25 -20.78
C ASP D 173 -17.43 5.58 -19.46
N ALA D 174 -16.88 6.36 -18.52
CA ALA D 174 -16.52 5.94 -17.17
C ALA D 174 -17.77 5.46 -16.42
N ASP D 175 -18.90 6.13 -16.68
CA ASP D 175 -20.21 5.67 -16.27
C ASP D 175 -20.89 5.07 -17.50
N PRO D 176 -21.15 3.75 -17.56
CA PRO D 176 -21.00 2.85 -16.40
C PRO D 176 -19.74 2.00 -16.23
N TYR D 177 -18.78 2.09 -17.15
CA TYR D 177 -17.86 0.99 -17.40
C TYR D 177 -16.76 0.86 -16.34
N LEU D 178 -16.57 1.89 -15.52
CA LEU D 178 -15.58 1.79 -14.46
C LEU D 178 -15.95 0.72 -13.42
N LYS D 179 -17.21 0.32 -13.36
CA LYS D 179 -17.60 -0.61 -12.32
C LYS D 179 -17.55 -2.06 -12.81
N TYR D 180 -17.15 -2.27 -14.07
CA TYR D 180 -16.90 -3.60 -14.60
C TYR D 180 -15.40 -3.78 -14.87
N LEU D 181 -14.88 -4.97 -14.54
CA LEU D 181 -13.48 -5.35 -14.73
C LEU D 181 -13.23 -5.60 -16.23
N PRO D 182 -11.98 -5.43 -16.73
CA PRO D 182 -11.66 -5.74 -18.13
C PRO D 182 -12.12 -7.09 -18.63
N SER D 183 -11.98 -8.13 -17.79
CA SER D 183 -12.30 -9.50 -18.17
C SER D 183 -13.79 -9.63 -18.49
N VAL D 184 -14.62 -8.91 -17.71
CA VAL D 184 -16.07 -8.89 -17.85
C VAL D 184 -16.44 -8.12 -19.13
N ILE D 185 -15.93 -6.88 -19.26
CA ILE D 185 -16.24 -6.11 -20.45
C ILE D 185 -15.80 -6.87 -21.72
N ALA D 186 -14.68 -7.60 -21.63
CA ALA D 186 -14.23 -8.46 -22.72
C ALA D 186 -15.24 -9.57 -23.04
N ALA D 187 -15.70 -10.30 -22.01
CA ALA D 187 -16.71 -11.34 -22.20
C ALA D 187 -17.98 -10.76 -22.83
N ALA D 188 -18.48 -9.64 -22.28
CA ALA D 188 -19.70 -9.02 -22.74
C ALA D 188 -19.57 -8.55 -24.19
N ALA D 189 -18.38 -8.05 -24.53
CA ALA D 189 -18.11 -7.55 -25.87
C ALA D 189 -18.03 -8.72 -26.85
N PHE D 190 -17.45 -9.85 -26.39
CA PHE D 190 -17.28 -11.02 -27.23
C PHE D 190 -18.62 -11.63 -27.59
N HIS D 191 -19.41 -11.97 -26.56
CA HIS D 191 -20.76 -12.47 -26.77
C HIS D 191 -21.54 -11.58 -27.74
N LEU D 192 -21.67 -10.30 -27.40
CA LEU D 192 -22.51 -9.37 -28.17
C LEU D 192 -22.08 -9.31 -29.64
N ALA D 193 -20.79 -9.47 -29.92
CA ALA D 193 -20.28 -9.45 -31.29
C ALA D 193 -20.56 -10.78 -31.99
N LEU D 194 -20.26 -11.88 -31.29
CA LEU D 194 -20.47 -13.24 -31.77
C LEU D 194 -21.95 -13.40 -32.15
N TYR D 195 -22.84 -12.93 -31.26
CA TYR D 195 -24.29 -12.99 -31.42
C TYR D 195 -24.71 -12.18 -32.65
N THR D 196 -24.25 -10.94 -32.73
CA THR D 196 -24.62 -10.03 -33.82
C THR D 196 -24.25 -10.64 -35.18
N VAL D 197 -23.09 -11.28 -35.27
CA VAL D 197 -22.58 -11.70 -36.57
C VAL D 197 -23.03 -13.11 -36.91
N THR D 198 -22.94 -14.05 -35.97
CA THR D 198 -23.20 -15.47 -36.26
C THR D 198 -24.50 -15.97 -35.65
N GLY D 199 -25.09 -15.23 -34.69
CA GLY D 199 -26.29 -15.69 -34.00
C GLY D 199 -25.97 -16.50 -32.74
N GLN D 200 -24.68 -16.86 -32.61
CA GLN D 200 -24.20 -17.76 -31.57
C GLN D 200 -24.00 -17.03 -30.26
N SER D 201 -23.63 -17.79 -29.22
CA SER D 201 -23.53 -17.29 -27.85
C SER D 201 -22.14 -17.55 -27.29
N TRP D 202 -21.88 -16.88 -26.16
CA TRP D 202 -20.78 -17.11 -25.24
C TRP D 202 -20.57 -18.63 -25.09
N PRO D 203 -19.51 -19.21 -25.70
CA PRO D 203 -19.34 -20.66 -25.74
C PRO D 203 -19.09 -21.28 -24.36
N GLU D 204 -19.47 -22.55 -24.23
CA GLU D 204 -19.37 -23.25 -22.96
C GLU D 204 -17.91 -23.29 -22.48
N SER D 205 -16.98 -23.58 -23.41
CA SER D 205 -15.56 -23.69 -23.13
C SER D 205 -15.00 -22.45 -22.42
N LEU D 206 -15.55 -21.27 -22.78
CA LEU D 206 -15.19 -20.01 -22.14
C LEU D 206 -15.90 -19.85 -20.79
N VAL D 207 -17.09 -20.42 -20.62
CA VAL D 207 -17.74 -20.48 -19.32
C VAL D 207 -16.83 -21.24 -18.36
N GLN D 208 -16.17 -22.29 -18.84
CA GLN D 208 -15.38 -23.16 -17.99
C GLN D 208 -14.07 -22.47 -17.60
N LYS D 209 -13.44 -21.77 -18.55
CA LYS D 209 -12.23 -21.01 -18.34
C LYS D 209 -12.43 -19.87 -17.33
N THR D 210 -13.44 -19.02 -17.57
CA THR D 210 -13.60 -17.74 -16.90
C THR D 210 -14.50 -17.82 -15.65
N GLY D 211 -15.33 -18.84 -15.55
CA GLY D 211 -16.29 -18.93 -14.47
C GLY D 211 -17.44 -17.93 -14.67
N TYR D 212 -17.51 -17.32 -15.86
CA TYR D 212 -18.57 -16.37 -16.23
C TYR D 212 -19.68 -17.05 -17.03
N THR D 213 -20.94 -16.77 -16.64
CA THR D 213 -22.12 -17.22 -17.35
C THR D 213 -22.85 -15.99 -17.88
N LEU D 214 -23.69 -16.20 -18.91
CA LEU D 214 -24.52 -15.13 -19.42
C LEU D 214 -25.33 -14.51 -18.27
N GLU D 215 -25.64 -15.32 -17.25
CA GLU D 215 -26.27 -14.82 -16.03
C GLU D 215 -25.37 -13.75 -15.39
N THR D 216 -24.12 -14.11 -15.06
CA THR D 216 -23.20 -13.20 -14.39
C THR D 216 -22.81 -12.03 -15.29
N LEU D 217 -22.90 -12.21 -16.61
CA LEU D 217 -22.53 -11.20 -17.60
C LEU D 217 -23.70 -10.26 -17.91
N LYS D 218 -24.90 -10.51 -17.40
CA LYS D 218 -26.06 -9.78 -17.87
C LYS D 218 -25.92 -8.26 -17.65
N PRO D 219 -25.63 -7.76 -16.43
CA PRO D 219 -25.58 -6.32 -16.25
C PRO D 219 -24.75 -5.62 -17.32
N CYS D 220 -23.51 -6.08 -17.53
CA CYS D 220 -22.61 -5.43 -18.51
C CYS D 220 -23.17 -5.62 -19.92
N LEU D 221 -23.63 -6.83 -20.21
CA LEU D 221 -24.14 -7.11 -21.58
C LEU D 221 -25.27 -6.12 -21.88
N LEU D 222 -26.10 -5.83 -20.88
CA LEU D 222 -27.19 -4.85 -21.06
C LEU D 222 -26.58 -3.48 -21.35
N ASP D 223 -25.79 -2.96 -20.41
CA ASP D 223 -25.14 -1.64 -20.61
C ASP D 223 -24.43 -1.60 -21.96
N LEU D 224 -23.77 -2.68 -22.35
CA LEU D 224 -22.97 -2.65 -23.56
C LEU D 224 -23.88 -2.67 -24.79
N HIS D 225 -24.98 -3.43 -24.69
CA HIS D 225 -26.00 -3.41 -25.72
C HIS D 225 -26.47 -1.98 -25.95
N GLN D 226 -26.80 -1.25 -24.87
CA GLN D 226 -27.35 0.10 -25.01
C GLN D 226 -26.30 1.02 -25.63
N THR D 227 -25.04 0.88 -25.18
CA THR D 227 -23.96 1.70 -25.71
C THR D 227 -23.86 1.50 -27.23
N TYR D 228 -24.00 0.25 -27.67
CA TYR D 228 -23.92 -0.06 -29.13
C TYR D 228 -25.07 0.61 -29.83
N LEU D 229 -26.24 0.61 -29.21
CA LEU D 229 -27.44 1.15 -29.87
C LEU D 229 -27.34 2.67 -30.01
N ARG D 230 -26.85 3.36 -28.98
CA ARG D 230 -26.82 4.84 -29.02
C ARG D 230 -25.54 5.33 -29.70
N ALA D 231 -24.64 4.42 -30.04
CA ALA D 231 -23.34 4.80 -30.62
C ALA D 231 -23.47 5.94 -31.64
N PRO D 232 -24.34 5.88 -32.68
CA PRO D 232 -24.38 6.95 -33.67
C PRO D 232 -24.79 8.32 -33.15
N GLN D 233 -25.30 8.39 -31.91
CA GLN D 233 -25.78 9.67 -31.35
C GLN D 233 -24.83 10.12 -30.23
N HIS D 234 -23.86 9.29 -29.88
CA HIS D 234 -22.86 9.64 -28.87
C HIS D 234 -22.06 10.85 -29.34
N ALA D 235 -21.79 11.78 -28.42
CA ALA D 235 -21.03 12.99 -28.71
C ALA D 235 -19.66 12.62 -29.28
N GLN D 236 -19.19 11.41 -28.95
CA GLN D 236 -17.88 10.91 -29.36
C GLN D 236 -18.02 9.87 -30.47
N GLN D 237 -17.31 10.12 -31.57
CA GLN D 237 -17.51 9.45 -32.84
C GLN D 237 -16.21 8.85 -33.40
N SER D 238 -15.03 9.14 -32.81
CA SER D 238 -13.77 8.69 -33.38
C SER D 238 -13.68 7.17 -33.55
N ILE D 239 -14.23 6.43 -32.59
CA ILE D 239 -14.17 4.97 -32.63
C ILE D 239 -15.03 4.45 -33.79
N ARG D 240 -16.21 5.05 -34.02
CA ARG D 240 -17.06 4.64 -35.13
C ARG D 240 -16.34 4.90 -36.45
N GLU D 241 -15.86 6.13 -36.64
CA GLU D 241 -15.04 6.50 -37.80
C GLU D 241 -13.99 5.43 -38.08
N LYS D 242 -13.23 5.06 -37.02
CA LYS D 242 -12.07 4.19 -37.07
C LYS D 242 -12.45 2.83 -37.63
N TYR D 243 -13.54 2.24 -37.08
CA TYR D 243 -13.95 0.88 -37.41
C TYR D 243 -14.88 0.84 -38.64
N LYS D 244 -15.03 1.96 -39.37
CA LYS D 244 -15.63 1.96 -40.70
C LYS D 244 -14.61 1.50 -41.72
N ASN D 245 -13.32 1.75 -41.45
CA ASN D 245 -12.23 1.39 -42.32
C ASN D 245 -12.24 -0.12 -42.59
N SER D 246 -11.64 -0.53 -43.72
CA SER D 246 -11.51 -1.93 -44.12
C SER D 246 -10.62 -2.75 -43.17
N LYS D 247 -9.57 -2.12 -42.62
CA LYS D 247 -8.73 -2.71 -41.59
C LYS D 247 -9.56 -3.45 -40.55
N TYR D 248 -10.72 -2.88 -40.18
CA TYR D 248 -11.60 -3.46 -39.17
C TYR D 248 -12.90 -3.94 -39.84
N HIS D 249 -12.86 -4.22 -41.14
CA HIS D 249 -13.95 -4.85 -41.88
C HIS D 249 -15.27 -4.07 -41.78
N GLY D 250 -15.20 -2.74 -41.68
CA GLY D 250 -16.35 -1.83 -41.54
C GLY D 250 -17.40 -2.24 -40.51
N VAL D 251 -17.02 -2.92 -39.40
CA VAL D 251 -17.96 -3.54 -38.48
C VAL D 251 -18.80 -2.51 -37.72
N SER D 252 -18.37 -1.24 -37.71
CA SER D 252 -19.14 -0.18 -37.07
C SER D 252 -20.41 0.12 -37.86
N LEU D 253 -20.41 -0.24 -39.15
CA LEU D 253 -21.54 -0.01 -40.04
C LEU D 253 -22.63 -1.05 -39.85
N LEU D 254 -22.30 -2.19 -39.25
CA LEU D 254 -23.29 -3.22 -39.02
C LEU D 254 -24.43 -2.66 -38.18
N ASN D 255 -25.64 -3.20 -38.40
CA ASN D 255 -26.78 -2.90 -37.55
C ASN D 255 -26.66 -3.74 -36.29
N PRO D 256 -26.72 -3.15 -35.07
CA PRO D 256 -26.73 -3.94 -33.86
C PRO D 256 -27.98 -4.77 -33.76
N PRO D 257 -28.01 -5.78 -32.88
CA PRO D 257 -29.24 -6.50 -32.66
C PRO D 257 -30.16 -5.54 -31.94
N GLU D 258 -31.48 -5.79 -31.97
CA GLU D 258 -32.42 -4.93 -31.21
C GLU D 258 -32.74 -5.62 -29.88
N THR D 259 -32.54 -6.93 -29.82
CA THR D 259 -32.78 -7.68 -28.57
C THR D 259 -31.73 -8.76 -28.47
N LEU D 260 -31.55 -9.33 -27.27
CA LEU D 260 -30.46 -10.31 -27.08
C LEU D 260 -31.02 -11.65 -26.60
N ASN D 261 -32.33 -11.81 -26.55
CA ASN D 261 -32.91 -13.13 -26.20
C ASN D 261 -32.26 -13.65 -24.93
N VAL D 262 -32.41 -12.91 -23.83
CA VAL D 262 -31.79 -13.32 -22.54
C VAL D 262 -32.66 -14.39 -21.88
C4 HHT E . -4.74 24.17 5.68
C5 HHT E . -4.67 22.84 5.39
C6 HHT E . -3.92 22.04 6.27
C7 HHT E . -3.25 22.56 7.38
C8 HHT E . -2.42 21.70 8.28
C9 HHT E . -3.13 21.25 9.56
C3 HHT E . -4.11 24.75 6.76
C1 HHT E . -2.68 25.87 8.90
O1 HHT E . -2.68 24.45 8.71
C2 HHT E . -3.36 23.96 7.62
BR1 HHT E . -5.73 25.30 4.55
O2 HHT E . -4.36 21.20 9.55
O3 HHT E . -2.44 20.94 10.53
C4 HHT F . 7.64 25.11 2.50
C5 HHT F . 7.97 24.48 1.32
C6 HHT F . 9.25 24.68 0.79
C7 HHT F . 10.16 25.55 1.38
C8 HHT F . 11.54 25.75 0.83
C9 HHT F . 12.55 25.24 1.87
C3 HHT F . 8.53 25.95 3.15
C1 HHT F . 10.59 27.67 4.41
O1 HHT F . 10.75 27.00 3.16
C2 HHT F . 9.78 26.17 2.60
BR1 HHT F . 5.92 24.83 3.30
O2 HHT F . 13.26 26.08 2.43
O3 HHT F . 12.57 24.02 2.14
C4 HHT G . 7.69 26.68 -1.47
C5 HHT G . 8.61 26.25 -2.41
C6 HHT G . 9.89 26.78 -2.40
C7 HHT G . 10.25 27.73 -1.46
C8 HHT G . 11.63 28.31 -1.42
C9 HHT G . 11.68 29.84 -1.36
C3 HHT G . 8.01 27.60 -0.49
C1 HHT G . 9.26 29.04 1.67
O1 HHT G . 9.75 29.08 0.37
C2 HHT G . 9.26 28.18 -0.53
BR1 HHT G . 5.91 25.99 -1.51
O2 HHT G . 11.56 30.49 -2.44
O3 HHT G . 11.82 30.36 -0.22
C4 HHT H . 5.08 7.63 3.15
C4 HHT H . 1.31 9.55 2.56
C5 HHT H . 4.57 6.85 2.14
C5 HHT H . 2.00 9.66 3.73
C6 HHT H . 5.45 6.09 1.36
C6 HHT H . 3.30 9.19 3.77
C7 HHT H . 6.81 6.14 1.57
C7 HHT H . 3.91 8.64 2.65
C8 HHT H . 7.77 5.33 0.75
C8 HHT H . 5.33 8.15 2.71
C9 HHT H . 7.29 3.88 0.79
C9 HHT H . 5.91 7.49 1.45
C3 HHT H . 6.44 7.70 3.41
C3 HHT H . 1.84 9.01 1.41
C1 HHT H . 9.14 7.89 3.75
C1 HHT H . 2.79 7.87 -0.69
O1 HHT H . 8.66 6.95 2.79
O1 HHT H . 3.72 8.01 0.36
C2 HHT H . 7.29 6.94 2.63
C2 HHT H . 3.14 8.57 1.45
BR1 HHT H . 3.89 8.65 4.23
BR1 HHT H . -0.47 10.18 2.52
O2 HHT H . 6.07 3.65 0.57
O2 HHT H . 5.14 7.27 0.49
O3 HHT H . 8.14 3.00 1.07
O3 HHT H . 7.12 7.20 1.46
C4 HHT I . 21.49 -7.25 22.51
C4 HHT I . 21.66 -9.06 18.93
C4 HHT I . 22.55 -6.70 22.74
C5 HHT I . 21.20 -6.24 23.38
C5 HHT I . 21.30 -10.35 19.22
C5 HHT I . 22.86 -5.96 23.86
C6 HHT I . 21.85 -6.18 24.59
C6 HHT I . 22.21 -11.37 18.97
C6 HHT I . 24.19 -5.72 24.16
C7 HHT I . 22.78 -7.12 24.98
C7 HHT I . 23.46 -11.12 18.46
C7 HHT I . 25.20 -6.24 23.38
C8 HHT I . 23.47 -7.01 26.31
C8 HHT I . 24.45 -12.22 18.19
C8 HHT I . 26.65 -5.98 23.69
C9 HHT I . 23.22 -5.62 26.91
C9 HHT I . 25.57 -12.29 19.22
C9 HHT I . 26.92 -4.51 23.35
C3 HHT I . 22.41 -8.24 22.82
C3 HHT I . 22.90 -8.75 18.40
C3 HHT I . 23.51 -7.24 21.90
C1 HHT I . 24.22 -10.26 23.65
C1 HHT I . 25.78 -8.45 18.09
C1 HHT I . 25.62 -8.81 21.29
O1 HHT I . 23.98 -9.11 24.47
O1 HHT I . 25.05 -9.58 17.64
O1 HHT I . 25.89 -7.46 21.55
C2 HHT I . 23.07 -8.17 24.05
C2 HHT I . 23.80 -9.77 18.16
C2 HHT I . 24.84 -6.93 22.20
BR1 HHT I . 20.57 -7.31 20.86
BR1 HHT I . 20.43 -7.65 19.25
BR1 HHT I . 20.74 -6.97 22.32
O2 HHT I . 23.74 -4.64 26.34
O2 HHT I . 25.39 -11.75 20.33
O2 HHT I . 26.07 -3.91 22.65
O3 HHT I . 22.51 -5.52 27.94
O3 HHT I . 26.63 -12.87 18.89
O3 HHT I . 27.97 -3.99 23.80
C4 HHT J . -14.70 -9.68 12.61
C5 HHT J . -14.02 -8.68 11.93
C6 HHT J . -13.53 -8.93 10.66
C7 HHT J . -13.76 -10.14 10.02
C8 HHT J . -13.19 -10.47 8.66
C9 HHT J . -11.96 -11.37 8.93
C3 HHT J . -14.91 -10.94 12.04
C1 HHT J . -14.00 -13.50 10.54
O1 HHT J . -14.61 -12.32 10.04
C2 HHT J . -14.54 -11.12 10.72
BR1 HHT J . -15.35 -9.38 14.41
O2 HHT J . -11.81 -12.45 8.28
O3 HHT J . -11.13 -10.99 9.83
C4 HHT K . 23.97 -7.56 -9.71
C5 HHT K . 22.69 -7.43 -9.24
C6 HHT K . 21.77 -6.76 -10.04
C7 HHT K . 22.12 -6.24 -11.28
C8 HHT K . 21.11 -5.50 -12.10
C9 HHT K . 20.59 -6.25 -13.32
C3 HHT K . 24.40 -7.03 -10.92
C1 HHT K . 25.10 -6.07 -13.41
O1 HHT K . 23.78 -5.85 -12.94
C2 HHT K . 23.47 -6.38 -11.71
BR1 HHT K . 25.24 -8.44 -8.65
O2 HHT K . 20.23 -5.58 -14.29
O3 HHT K . 20.52 -7.49 -13.26
C4 HHT L . 25.60 5.23 -8.81
C5 HHT L . 26.30 5.87 -9.84
C6 HHT L . 26.67 7.18 -9.65
C7 HHT L . 26.37 7.87 -8.49
C8 HHT L . 26.76 9.30 -8.29
C9 HHT L . 25.58 10.23 -8.52
C3 HHT L . 25.27 5.86 -7.62
C1 HHT L . 24.83 7.33 -5.16
O1 HHT L . 25.38 7.94 -6.34
C2 HHT L . 25.65 7.19 -7.47
BR1 HHT L . 25.06 3.43 -9.04
O2 HHT L . 24.79 9.98 -9.47
O3 HHT L . 25.47 11.19 -7.75
C4 HHT M . 27.92 5.45 -5.38
C5 HHT M . 28.54 4.93 -6.48
C6 HHT M . 29.33 5.76 -7.26
C7 HHT M . 29.48 7.11 -6.99
C8 HHT M . 30.34 8.01 -7.84
C9 HHT M . 31.61 8.39 -7.08
C3 HHT M . 28.06 6.78 -5.02
C1 HHT M . 28.38 9.55 -4.44
O1 HHT M . 29.05 8.95 -5.55
C2 HHT M . 28.86 7.60 -5.81
BR1 HHT M . 26.87 4.32 -4.28
O2 HHT M . 31.86 9.61 -6.90
O3 HHT M . 32.32 7.47 -6.63
C4 HHT N . -8.18 18.05 -26.18
C5 HHT N . -8.27 17.60 -27.49
C6 HHT N . -8.17 18.52 -28.53
C7 HHT N . -8.00 19.87 -28.29
C8 HHT N . -7.92 20.86 -29.42
C9 HHT N . -9.20 20.92 -30.26
C3 HHT N . -8.01 19.39 -25.87
C1 HHT N . -7.54 22.15 -25.35
O1 HHT N . -7.72 21.67 -26.68
C2 HHT N . -7.91 20.31 -26.90
BR1 HHT N . -8.28 16.81 -24.75
O2 HHT N . -9.62 22.05 -30.61
O3 HHT N . -9.78 19.85 -30.53
#